data_1FSV
# 
_entry.id   1FSV 
# 
_audit_conform.dict_name       mmcif_pdbx.dic 
_audit_conform.dict_version    5.392 
_audit_conform.dict_location   http://mmcif.pdb.org/dictionaries/ascii/mmcif_pdbx.dic 
# 
loop_
_database_2.database_id 
_database_2.database_code 
_database_2.pdbx_database_accession 
_database_2.pdbx_DOI 
PDB   1FSV         pdb_00001fsv 10.2210/pdb1fsv/pdb 
WWPDB D_1000173408 ?            ?                   
# 
loop_
_pdbx_audit_revision_history.ordinal 
_pdbx_audit_revision_history.data_content_type 
_pdbx_audit_revision_history.major_revision 
_pdbx_audit_revision_history.minor_revision 
_pdbx_audit_revision_history.revision_date 
1 'Structure model' 1 0 1998-01-28 
2 'Structure model' 1 1 2008-03-24 
3 'Structure model' 1 2 2011-07-13 
4 'Structure model' 1 3 2022-02-23 
5 'Structure model' 1 4 2024-05-22 
# 
_pdbx_audit_revision_details.ordinal             1 
_pdbx_audit_revision_details.revision_ordinal    1 
_pdbx_audit_revision_details.data_content_type   'Structure model' 
_pdbx_audit_revision_details.provider            repository 
_pdbx_audit_revision_details.type                'Initial release' 
_pdbx_audit_revision_details.description         ? 
_pdbx_audit_revision_details.details             ? 
# 
loop_
_pdbx_audit_revision_group.ordinal 
_pdbx_audit_revision_group.revision_ordinal 
_pdbx_audit_revision_group.data_content_type 
_pdbx_audit_revision_group.group 
1 2 'Structure model' 'Version format compliance' 
2 3 'Structure model' 'Version format compliance' 
3 4 'Structure model' 'Database references'       
4 4 'Structure model' 'Derived calculations'      
5 4 'Structure model' Other                       
6 5 'Structure model' 'Data collection'           
# 
loop_
_pdbx_audit_revision_category.ordinal 
_pdbx_audit_revision_category.revision_ordinal 
_pdbx_audit_revision_category.data_content_type 
_pdbx_audit_revision_category.category 
1 4 'Structure model' database_2            
2 4 'Structure model' pdbx_database_status  
3 4 'Structure model' pdbx_struct_assembly  
4 4 'Structure model' pdbx_struct_oper_list 
5 5 'Structure model' chem_comp_atom        
6 5 'Structure model' chem_comp_bond        
# 
loop_
_pdbx_audit_revision_item.ordinal 
_pdbx_audit_revision_item.revision_ordinal 
_pdbx_audit_revision_item.data_content_type 
_pdbx_audit_revision_item.item 
1 4 'Structure model' '_database_2.pdbx_DOI'                
2 4 'Structure model' '_database_2.pdbx_database_accession' 
3 4 'Structure model' '_pdbx_database_status.process_site'  
# 
_pdbx_database_status.status_code                     REL 
_pdbx_database_status.entry_id                        1FSV 
_pdbx_database_status.recvd_initial_deposition_date   1997-10-26 
_pdbx_database_status.deposit_site                    ? 
_pdbx_database_status.process_site                    BNL 
_pdbx_database_status.SG_entry                        . 
_pdbx_database_status.pdb_format_compatible           Y 
_pdbx_database_status.status_code_mr                  ? 
_pdbx_database_status.status_code_sf                  ? 
_pdbx_database_status.status_code_cs                  ? 
_pdbx_database_status.status_code_nmr_data            ? 
_pdbx_database_status.methods_development_category    ? 
# 
loop_
_audit_author.name 
_audit_author.pdbx_ordinal 
'Dahiyat, B.I.' 1 
'Mayo, S.L.'    2 
# 
_citation.id                        primary 
_citation.title                     'De novo protein design: fully automated sequence selection.' 
_citation.journal_abbrev            Science 
_citation.journal_volume            278 
_citation.page_first                82 
_citation.page_last                 87 
_citation.year                      1997 
_citation.journal_id_ASTM           SCIEAS 
_citation.country                   US 
_citation.journal_id_ISSN           0036-8075 
_citation.journal_id_CSD            0038 
_citation.book_publisher            ? 
_citation.pdbx_database_id_PubMed   9311930 
_citation.pdbx_database_id_DOI      10.1126/science.278.5335.82 
# 
loop_
_citation_author.citation_id 
_citation_author.name 
_citation_author.ordinal 
_citation_author.identifier_ORCID 
primary 'Dahiyat, B.I.' 1 ? 
primary 'Mayo, S.L.'    2 ? 
# 
_entity.id                         1 
_entity.type                       polymer 
_entity.src_method                 man 
_entity.pdbx_description           'FULL SEQUENCE DESIGN 1 OF BETA BETA ALPHA MOTIF' 
_entity.formula_weight             3497.037 
_entity.pdbx_number_of_molecules   1 
_entity.pdbx_ec                    ? 
_entity.pdbx_mutation              ? 
_entity.pdbx_fragment              ? 
_entity.details                    ? 
# 
_entity_poly.entity_id                      1 
_entity_poly.type                           'polypeptide(L)' 
_entity_poly.nstd_linkage                   no 
_entity_poly.nstd_monomer                   no 
_entity_poly.pdbx_seq_one_letter_code       QQYTAKIKGRTFRNEKELRDFIEKFKGR 
_entity_poly.pdbx_seq_one_letter_code_can   QQYTAKIKGRTFRNEKELRDFIEKFKGR 
_entity_poly.pdbx_strand_id                 A 
_entity_poly.pdbx_target_identifier         ? 
# 
loop_
_entity_poly_seq.entity_id 
_entity_poly_seq.num 
_entity_poly_seq.mon_id 
_entity_poly_seq.hetero 
1 1  GLN n 
1 2  GLN n 
1 3  TYR n 
1 4  THR n 
1 5  ALA n 
1 6  LYS n 
1 7  ILE n 
1 8  LYS n 
1 9  GLY n 
1 10 ARG n 
1 11 THR n 
1 12 PHE n 
1 13 ARG n 
1 14 ASN n 
1 15 GLU n 
1 16 LYS n 
1 17 GLU n 
1 18 LEU n 
1 19 ARG n 
1 20 ASP n 
1 21 PHE n 
1 22 ILE n 
1 23 GLU n 
1 24 LYS n 
1 25 PHE n 
1 26 LYS n 
1 27 GLY n 
1 28 ARG n 
# 
_entity_src_gen.entity_id                          1 
_entity_src_gen.pdbx_src_id                        1 
_entity_src_gen.pdbx_alt_source_flag               sample 
_entity_src_gen.pdbx_seq_type                      ? 
_entity_src_gen.pdbx_beg_seq_num                   ? 
_entity_src_gen.pdbx_end_seq_num                   ? 
_entity_src_gen.gene_src_common_name               ? 
_entity_src_gen.gene_src_genus                     ? 
_entity_src_gen.pdbx_gene_src_gene                 ? 
_entity_src_gen.gene_src_species                   ? 
_entity_src_gen.gene_src_strain                    ? 
_entity_src_gen.gene_src_tissue                    ? 
_entity_src_gen.gene_src_tissue_fraction           ? 
_entity_src_gen.gene_src_details                   ? 
_entity_src_gen.pdbx_gene_src_fragment             ? 
_entity_src_gen.pdbx_gene_src_scientific_name      'synthetic construct' 
_entity_src_gen.pdbx_gene_src_ncbi_taxonomy_id     32630 
_entity_src_gen.pdbx_gene_src_variant              ? 
_entity_src_gen.pdbx_gene_src_cell_line            ? 
_entity_src_gen.pdbx_gene_src_atcc                 ? 
_entity_src_gen.pdbx_gene_src_organ                ? 
_entity_src_gen.pdbx_gene_src_organelle            ? 
_entity_src_gen.pdbx_gene_src_cell                 ? 
_entity_src_gen.pdbx_gene_src_cellular_location    ? 
_entity_src_gen.host_org_common_name               ? 
_entity_src_gen.pdbx_host_org_scientific_name      ? 
_entity_src_gen.pdbx_host_org_ncbi_taxonomy_id     ? 
_entity_src_gen.host_org_genus                     ? 
_entity_src_gen.pdbx_host_org_gene                 ? 
_entity_src_gen.pdbx_host_org_organ                ? 
_entity_src_gen.host_org_species                   ? 
_entity_src_gen.pdbx_host_org_tissue               ? 
_entity_src_gen.pdbx_host_org_tissue_fraction      ? 
_entity_src_gen.pdbx_host_org_strain               ? 
_entity_src_gen.pdbx_host_org_variant              ? 
_entity_src_gen.pdbx_host_org_cell_line            ? 
_entity_src_gen.pdbx_host_org_atcc                 ? 
_entity_src_gen.pdbx_host_org_culture_collection   ? 
_entity_src_gen.pdbx_host_org_cell                 ? 
_entity_src_gen.pdbx_host_org_organelle            ? 
_entity_src_gen.pdbx_host_org_cellular_location    ? 
_entity_src_gen.pdbx_host_org_vector_type          ? 
_entity_src_gen.pdbx_host_org_vector               ? 
_entity_src_gen.host_org_details                   ? 
_entity_src_gen.expression_system_id               ? 
_entity_src_gen.plasmid_name                       ? 
_entity_src_gen.plasmid_details                    ? 
_entity_src_gen.pdbx_description                   ? 
# 
loop_
_chem_comp.id 
_chem_comp.type 
_chem_comp.mon_nstd_flag 
_chem_comp.name 
_chem_comp.pdbx_synonyms 
_chem_comp.formula 
_chem_comp.formula_weight 
ALA 'L-peptide linking' y ALANINE         ? 'C3 H7 N O2'     89.093  
ARG 'L-peptide linking' y ARGININE        ? 'C6 H15 N4 O2 1' 175.209 
ASN 'L-peptide linking' y ASPARAGINE      ? 'C4 H8 N2 O3'    132.118 
ASP 'L-peptide linking' y 'ASPARTIC ACID' ? 'C4 H7 N O4'     133.103 
GLN 'L-peptide linking' y GLUTAMINE       ? 'C5 H10 N2 O3'   146.144 
GLU 'L-peptide linking' y 'GLUTAMIC ACID' ? 'C5 H9 N O4'     147.129 
GLY 'peptide linking'   y GLYCINE         ? 'C2 H5 N O2'     75.067  
ILE 'L-peptide linking' y ISOLEUCINE      ? 'C6 H13 N O2'    131.173 
LEU 'L-peptide linking' y LEUCINE         ? 'C6 H13 N O2'    131.173 
LYS 'L-peptide linking' y LYSINE          ? 'C6 H15 N2 O2 1' 147.195 
PHE 'L-peptide linking' y PHENYLALANINE   ? 'C9 H11 N O2'    165.189 
THR 'L-peptide linking' y THREONINE       ? 'C4 H9 N O3'     119.119 
TYR 'L-peptide linking' y TYROSINE        ? 'C9 H11 N O3'    181.189 
# 
loop_
_pdbx_poly_seq_scheme.asym_id 
_pdbx_poly_seq_scheme.entity_id 
_pdbx_poly_seq_scheme.seq_id 
_pdbx_poly_seq_scheme.mon_id 
_pdbx_poly_seq_scheme.ndb_seq_num 
_pdbx_poly_seq_scheme.pdb_seq_num 
_pdbx_poly_seq_scheme.auth_seq_num 
_pdbx_poly_seq_scheme.pdb_mon_id 
_pdbx_poly_seq_scheme.auth_mon_id 
_pdbx_poly_seq_scheme.pdb_strand_id 
_pdbx_poly_seq_scheme.pdb_ins_code 
_pdbx_poly_seq_scheme.hetero 
A 1 1  GLN 1  1  1  GLN GLN A . n 
A 1 2  GLN 2  2  2  GLN GLN A . n 
A 1 3  TYR 3  3  3  TYR TYR A . n 
A 1 4  THR 4  4  4  THR THR A . n 
A 1 5  ALA 5  5  5  ALA ALA A . n 
A 1 6  LYS 6  6  6  LYS LYS A . n 
A 1 7  ILE 7  7  7  ILE ILE A . n 
A 1 8  LYS 8  8  8  LYS LYS A . n 
A 1 9  GLY 9  9  9  GLY GLY A . n 
A 1 10 ARG 10 10 10 ARG ARG A . n 
A 1 11 THR 11 11 11 THR THR A . n 
A 1 12 PHE 12 12 12 PHE PHE A . n 
A 1 13 ARG 13 13 13 ARG ARG A . n 
A 1 14 ASN 14 14 14 ASN ASN A . n 
A 1 15 GLU 15 15 15 GLU GLU A . n 
A 1 16 LYS 16 16 16 LYS LYS A . n 
A 1 17 GLU 17 17 17 GLU GLU A . n 
A 1 18 LEU 18 18 18 LEU LEU A . n 
A 1 19 ARG 19 19 19 ARG ARG A . n 
A 1 20 ASP 20 20 20 ASP ASP A . n 
A 1 21 PHE 21 21 21 PHE PHE A . n 
A 1 22 ILE 22 22 22 ILE ILE A . n 
A 1 23 GLU 23 23 23 GLU GLU A . n 
A 1 24 LYS 24 24 24 LYS LYS A . n 
A 1 25 PHE 25 25 25 PHE PHE A . n 
A 1 26 LYS 26 26 26 LYS LYS A . n 
A 1 27 GLY 27 27 27 GLY GLY A . n 
A 1 28 ARG 28 28 28 ARG ARG A . n 
# 
loop_
_software.name 
_software.classification 
_software.version 
_software.citation_id 
_software.pdbx_ordinal 
X-PLOR 'model building' 3.1 ? 1 
X-PLOR refinement       3.1 ? 2 
X-PLOR phasing          3.1 ? 3 
# 
_cell.entry_id           1FSV 
_cell.length_a           1.000 
_cell.length_b           1.000 
_cell.length_c           1.000 
_cell.angle_alpha        90.00 
_cell.angle_beta         90.00 
_cell.angle_gamma        90.00 
_cell.Z_PDB              1 
_cell.pdbx_unique_axis   ? 
# 
_symmetry.entry_id                         1FSV 
_symmetry.space_group_name_H-M             'P 1' 
_symmetry.pdbx_full_space_group_name_H-M   ? 
_symmetry.cell_setting                     ? 
_symmetry.Int_Tables_number                1 
# 
_exptl.entry_id          1FSV 
_exptl.method            'SOLUTION NMR' 
_exptl.crystals_number   ? 
# 
_struct.entry_id                  1FSV 
_struct.title                     'FULL SEQUENCE DESIGN 1 (FSD-1) OF BETA BETA ALPHA MOTIF, NMR, MINIMIZED AVERAGE STRUCTURE' 
_struct.pdbx_model_details        ? 
_struct.pdbx_CASP_flag            ? 
_struct.pdbx_model_type_details   ? 
# 
_struct_keywords.entry_id        1FSV 
_struct_keywords.pdbx_keywords   'BETA BETA ALPHA MOTIF' 
_struct_keywords.text            'NOVEL SEQUENCE, COMPUTATIONAL DESIGN, BETA BETA ALPHA MOTIF' 
# 
_struct_asym.id                            A 
_struct_asym.pdbx_blank_PDB_chainid_flag   Y 
_struct_asym.pdbx_modified                 N 
_struct_asym.entity_id                     1 
_struct_asym.details                       ? 
# 
_struct_ref.id                         1 
_struct_ref.entity_id                  1 
_struct_ref.db_name                    PDB 
_struct_ref.db_code                    1FSV 
_struct_ref.pdbx_db_accession          1FSV 
_struct_ref.pdbx_db_isoform            ? 
_struct_ref.pdbx_seq_one_letter_code   ? 
_struct_ref.pdbx_align_begin           ? 
# 
_struct_ref_seq.align_id                      1 
_struct_ref_seq.ref_id                        1 
_struct_ref_seq.pdbx_PDB_id_code              1FSV 
_struct_ref_seq.pdbx_strand_id                A 
_struct_ref_seq.seq_align_beg                 1 
_struct_ref_seq.pdbx_seq_align_beg_ins_code   ? 
_struct_ref_seq.seq_align_end                 28 
_struct_ref_seq.pdbx_seq_align_end_ins_code   ? 
_struct_ref_seq.pdbx_db_accession             1FSV 
_struct_ref_seq.db_align_beg                  1 
_struct_ref_seq.pdbx_db_align_beg_ins_code    ? 
_struct_ref_seq.db_align_end                  28 
_struct_ref_seq.pdbx_db_align_end_ins_code    ? 
_struct_ref_seq.pdbx_auth_seq_align_beg       1 
_struct_ref_seq.pdbx_auth_seq_align_end       28 
# 
_pdbx_struct_assembly.id                   1 
_pdbx_struct_assembly.details              author_defined_assembly 
_pdbx_struct_assembly.method_details       ? 
_pdbx_struct_assembly.oligomeric_details   monomeric 
_pdbx_struct_assembly.oligomeric_count     1 
# 
_pdbx_struct_assembly_gen.assembly_id       1 
_pdbx_struct_assembly_gen.oper_expression   1 
_pdbx_struct_assembly_gen.asym_id_list      A 
# 
_pdbx_struct_oper_list.id                   1 
_pdbx_struct_oper_list.type                 'identity operation' 
_pdbx_struct_oper_list.name                 1_555 
_pdbx_struct_oper_list.symmetry_operation   x,y,z 
_pdbx_struct_oper_list.matrix[1][1]         1.0000000000 
_pdbx_struct_oper_list.matrix[1][2]         0.0000000000 
_pdbx_struct_oper_list.matrix[1][3]         0.0000000000 
_pdbx_struct_oper_list.vector[1]            0.0000000000 
_pdbx_struct_oper_list.matrix[2][1]         0.0000000000 
_pdbx_struct_oper_list.matrix[2][2]         1.0000000000 
_pdbx_struct_oper_list.matrix[2][3]         0.0000000000 
_pdbx_struct_oper_list.vector[2]            0.0000000000 
_pdbx_struct_oper_list.matrix[3][1]         0.0000000000 
_pdbx_struct_oper_list.matrix[3][2]         0.0000000000 
_pdbx_struct_oper_list.matrix[3][3]         1.0000000000 
_pdbx_struct_oper_list.vector[3]            0.0000000000 
# 
_struct_biol.id   1 
# 
_struct_conf.conf_type_id            HELX_P 
_struct_conf.id                      HELX_P1 
_struct_conf.pdbx_PDB_helix_id       1 
_struct_conf.beg_label_comp_id       GLU 
_struct_conf.beg_label_asym_id       A 
_struct_conf.beg_label_seq_id        15 
_struct_conf.pdbx_beg_PDB_ins_code   ? 
_struct_conf.end_label_comp_id       PHE 
_struct_conf.end_label_asym_id       A 
_struct_conf.end_label_seq_id        25 
_struct_conf.pdbx_end_PDB_ins_code   ? 
_struct_conf.beg_auth_comp_id        GLU 
_struct_conf.beg_auth_asym_id        A 
_struct_conf.beg_auth_seq_id         15 
_struct_conf.end_auth_comp_id        PHE 
_struct_conf.end_auth_asym_id        A 
_struct_conf.end_auth_seq_id         25 
_struct_conf.pdbx_PDB_helix_class    1 
_struct_conf.details                 ? 
_struct_conf.pdbx_PDB_helix_length   11 
# 
_struct_conf_type.id          HELX_P 
_struct_conf_type.criteria    ? 
_struct_conf_type.reference   ? 
# 
_struct_conn.id                            hydrog1 
_struct_conn.conn_type_id                  hydrog 
_struct_conn.pdbx_leaving_atom_flag        ? 
_struct_conn.pdbx_PDB_id                   ? 
_struct_conn.ptnr1_label_asym_id           A 
_struct_conn.ptnr1_label_comp_id           ASN 
_struct_conn.ptnr1_label_seq_id            14 
_struct_conn.ptnr1_label_atom_id           OD1 
_struct_conn.pdbx_ptnr1_label_alt_id       ? 
_struct_conn.pdbx_ptnr1_PDB_ins_code       ? 
_struct_conn.pdbx_ptnr1_standard_comp_id   ? 
_struct_conn.ptnr1_symmetry                1_555 
_struct_conn.ptnr2_label_asym_id           A 
_struct_conn.ptnr2_label_comp_id           GLU 
_struct_conn.ptnr2_label_seq_id            17 
_struct_conn.ptnr2_label_atom_id           N 
_struct_conn.pdbx_ptnr2_label_alt_id       ? 
_struct_conn.pdbx_ptnr2_PDB_ins_code       ? 
_struct_conn.ptnr1_auth_asym_id            A 
_struct_conn.ptnr1_auth_comp_id            ASN 
_struct_conn.ptnr1_auth_seq_id             14 
_struct_conn.ptnr2_auth_asym_id            A 
_struct_conn.ptnr2_auth_comp_id            GLU 
_struct_conn.ptnr2_auth_seq_id             17 
_struct_conn.ptnr2_symmetry                1_555 
_struct_conn.pdbx_ptnr3_label_atom_id      ? 
_struct_conn.pdbx_ptnr3_label_seq_id       ? 
_struct_conn.pdbx_ptnr3_label_comp_id      ? 
_struct_conn.pdbx_ptnr3_label_asym_id      ? 
_struct_conn.pdbx_ptnr3_label_alt_id       ? 
_struct_conn.pdbx_ptnr3_PDB_ins_code       ? 
_struct_conn.details                       ? 
_struct_conn.pdbx_dist_value               ? 
_struct_conn.pdbx_value_order              ? 
_struct_conn.pdbx_role                     ? 
# 
_struct_conn_type.id          hydrog 
_struct_conn_type.criteria    ? 
_struct_conn_type.reference   ? 
# 
loop_
_pdbx_validate_torsion.id 
_pdbx_validate_torsion.PDB_model_num 
_pdbx_validate_torsion.auth_comp_id 
_pdbx_validate_torsion.auth_asym_id 
_pdbx_validate_torsion.auth_seq_id 
_pdbx_validate_torsion.PDB_ins_code 
_pdbx_validate_torsion.label_alt_id 
_pdbx_validate_torsion.phi 
_pdbx_validate_torsion.psi 
1 1 GLN A 2 ? ? -137.36 -90.06 
2 1 ALA A 5 ? ? -51.86  93.66  
3 1 ILE A 7 ? ? -54.54  -97.84 
# 
_pdbx_nmr_ensemble.entry_id                             1FSV 
_pdbx_nmr_ensemble.conformers_calculated_total_number   100 
_pdbx_nmr_ensemble.conformers_submitted_total_number    1 
_pdbx_nmr_ensemble.conformer_selection_criteria         'RESTRAINED MINIMIZED AVERAGE' 
# 
_pdbx_nmr_exptl_sample_conditions.conditions_id       1 
_pdbx_nmr_exptl_sample_conditions.temperature         280 
_pdbx_nmr_exptl_sample_conditions.pressure            ? 
_pdbx_nmr_exptl_sample_conditions.pH                  5.0 
_pdbx_nmr_exptl_sample_conditions.ionic_strength      ? 
_pdbx_nmr_exptl_sample_conditions.pressure_units      . 
_pdbx_nmr_exptl_sample_conditions.temperature_units   K 
# 
loop_
_pdbx_nmr_exptl.experiment_id 
_pdbx_nmr_exptl.conditions_id 
_pdbx_nmr_exptl.type 
_pdbx_nmr_exptl.solution_id 
1 1 NOESY    1 
2 1 DQF-COSY 1 
3 1 TOCSY    1 
# 
_pdbx_nmr_refine.entry_id           1FSV 
_pdbx_nmr_refine.method             'HYBRID DISTANCE GEOMETRY - SIMULATED ANNEALING' 
_pdbx_nmr_refine.details            'STANDARD X-PLOR REFINEMENT PROTOCOLS WERE USED WITH A FINAL REPEL RADIUS OF 0.8.' 
_pdbx_nmr_refine.software_ordinal   1 
# 
loop_
_pdbx_nmr_software.classification 
_pdbx_nmr_software.name 
_pdbx_nmr_software.version 
_pdbx_nmr_software.authors 
_pdbx_nmr_software.ordinal 
refinement           X-PLOR 3.1 BRUNGER 1 
'structure solution' X-PLOR ?   ?       2 
# 
loop_
_chem_comp_atom.comp_id 
_chem_comp_atom.atom_id 
_chem_comp_atom.type_symbol 
_chem_comp_atom.pdbx_aromatic_flag 
_chem_comp_atom.pdbx_stereo_config 
_chem_comp_atom.pdbx_ordinal 
ALA N    N N N 1   
ALA CA   C N S 2   
ALA C    C N N 3   
ALA O    O N N 4   
ALA CB   C N N 5   
ALA OXT  O N N 6   
ALA H    H N N 7   
ALA H2   H N N 8   
ALA HA   H N N 9   
ALA HB1  H N N 10  
ALA HB2  H N N 11  
ALA HB3  H N N 12  
ALA HXT  H N N 13  
ARG N    N N N 14  
ARG CA   C N S 15  
ARG C    C N N 16  
ARG O    O N N 17  
ARG CB   C N N 18  
ARG CG   C N N 19  
ARG CD   C N N 20  
ARG NE   N N N 21  
ARG CZ   C N N 22  
ARG NH1  N N N 23  
ARG NH2  N N N 24  
ARG OXT  O N N 25  
ARG H    H N N 26  
ARG H2   H N N 27  
ARG HA   H N N 28  
ARG HB2  H N N 29  
ARG HB3  H N N 30  
ARG HG2  H N N 31  
ARG HG3  H N N 32  
ARG HD2  H N N 33  
ARG HD3  H N N 34  
ARG HE   H N N 35  
ARG HH11 H N N 36  
ARG HH12 H N N 37  
ARG HH21 H N N 38  
ARG HH22 H N N 39  
ARG HXT  H N N 40  
ASN N    N N N 41  
ASN CA   C N S 42  
ASN C    C N N 43  
ASN O    O N N 44  
ASN CB   C N N 45  
ASN CG   C N N 46  
ASN OD1  O N N 47  
ASN ND2  N N N 48  
ASN OXT  O N N 49  
ASN H    H N N 50  
ASN H2   H N N 51  
ASN HA   H N N 52  
ASN HB2  H N N 53  
ASN HB3  H N N 54  
ASN HD21 H N N 55  
ASN HD22 H N N 56  
ASN HXT  H N N 57  
ASP N    N N N 58  
ASP CA   C N S 59  
ASP C    C N N 60  
ASP O    O N N 61  
ASP CB   C N N 62  
ASP CG   C N N 63  
ASP OD1  O N N 64  
ASP OD2  O N N 65  
ASP OXT  O N N 66  
ASP H    H N N 67  
ASP H2   H N N 68  
ASP HA   H N N 69  
ASP HB2  H N N 70  
ASP HB3  H N N 71  
ASP HD2  H N N 72  
ASP HXT  H N N 73  
GLN N    N N N 74  
GLN CA   C N S 75  
GLN C    C N N 76  
GLN O    O N N 77  
GLN CB   C N N 78  
GLN CG   C N N 79  
GLN CD   C N N 80  
GLN OE1  O N N 81  
GLN NE2  N N N 82  
GLN OXT  O N N 83  
GLN H    H N N 84  
GLN H2   H N N 85  
GLN HA   H N N 86  
GLN HB2  H N N 87  
GLN HB3  H N N 88  
GLN HG2  H N N 89  
GLN HG3  H N N 90  
GLN HE21 H N N 91  
GLN HE22 H N N 92  
GLN HXT  H N N 93  
GLU N    N N N 94  
GLU CA   C N S 95  
GLU C    C N N 96  
GLU O    O N N 97  
GLU CB   C N N 98  
GLU CG   C N N 99  
GLU CD   C N N 100 
GLU OE1  O N N 101 
GLU OE2  O N N 102 
GLU OXT  O N N 103 
GLU H    H N N 104 
GLU H2   H N N 105 
GLU HA   H N N 106 
GLU HB2  H N N 107 
GLU HB3  H N N 108 
GLU HG2  H N N 109 
GLU HG3  H N N 110 
GLU HE2  H N N 111 
GLU HXT  H N N 112 
GLY N    N N N 113 
GLY CA   C N N 114 
GLY C    C N N 115 
GLY O    O N N 116 
GLY OXT  O N N 117 
GLY H    H N N 118 
GLY H2   H N N 119 
GLY HA2  H N N 120 
GLY HA3  H N N 121 
GLY HXT  H N N 122 
ILE N    N N N 123 
ILE CA   C N S 124 
ILE C    C N N 125 
ILE O    O N N 126 
ILE CB   C N S 127 
ILE CG1  C N N 128 
ILE CG2  C N N 129 
ILE CD1  C N N 130 
ILE OXT  O N N 131 
ILE H    H N N 132 
ILE H2   H N N 133 
ILE HA   H N N 134 
ILE HB   H N N 135 
ILE HG12 H N N 136 
ILE HG13 H N N 137 
ILE HG21 H N N 138 
ILE HG22 H N N 139 
ILE HG23 H N N 140 
ILE HD11 H N N 141 
ILE HD12 H N N 142 
ILE HD13 H N N 143 
ILE HXT  H N N 144 
LEU N    N N N 145 
LEU CA   C N S 146 
LEU C    C N N 147 
LEU O    O N N 148 
LEU CB   C N N 149 
LEU CG   C N N 150 
LEU CD1  C N N 151 
LEU CD2  C N N 152 
LEU OXT  O N N 153 
LEU H    H N N 154 
LEU H2   H N N 155 
LEU HA   H N N 156 
LEU HB2  H N N 157 
LEU HB3  H N N 158 
LEU HG   H N N 159 
LEU HD11 H N N 160 
LEU HD12 H N N 161 
LEU HD13 H N N 162 
LEU HD21 H N N 163 
LEU HD22 H N N 164 
LEU HD23 H N N 165 
LEU HXT  H N N 166 
LYS N    N N N 167 
LYS CA   C N S 168 
LYS C    C N N 169 
LYS O    O N N 170 
LYS CB   C N N 171 
LYS CG   C N N 172 
LYS CD   C N N 173 
LYS CE   C N N 174 
LYS NZ   N N N 175 
LYS OXT  O N N 176 
LYS H    H N N 177 
LYS H2   H N N 178 
LYS HA   H N N 179 
LYS HB2  H N N 180 
LYS HB3  H N N 181 
LYS HG2  H N N 182 
LYS HG3  H N N 183 
LYS HD2  H N N 184 
LYS HD3  H N N 185 
LYS HE2  H N N 186 
LYS HE3  H N N 187 
LYS HZ1  H N N 188 
LYS HZ2  H N N 189 
LYS HZ3  H N N 190 
LYS HXT  H N N 191 
PHE N    N N N 192 
PHE CA   C N S 193 
PHE C    C N N 194 
PHE O    O N N 195 
PHE CB   C N N 196 
PHE CG   C Y N 197 
PHE CD1  C Y N 198 
PHE CD2  C Y N 199 
PHE CE1  C Y N 200 
PHE CE2  C Y N 201 
PHE CZ   C Y N 202 
PHE OXT  O N N 203 
PHE H    H N N 204 
PHE H2   H N N 205 
PHE HA   H N N 206 
PHE HB2  H N N 207 
PHE HB3  H N N 208 
PHE HD1  H N N 209 
PHE HD2  H N N 210 
PHE HE1  H N N 211 
PHE HE2  H N N 212 
PHE HZ   H N N 213 
PHE HXT  H N N 214 
THR N    N N N 215 
THR CA   C N S 216 
THR C    C N N 217 
THR O    O N N 218 
THR CB   C N R 219 
THR OG1  O N N 220 
THR CG2  C N N 221 
THR OXT  O N N 222 
THR H    H N N 223 
THR H2   H N N 224 
THR HA   H N N 225 
THR HB   H N N 226 
THR HG1  H N N 227 
THR HG21 H N N 228 
THR HG22 H N N 229 
THR HG23 H N N 230 
THR HXT  H N N 231 
TYR N    N N N 232 
TYR CA   C N S 233 
TYR C    C N N 234 
TYR O    O N N 235 
TYR CB   C N N 236 
TYR CG   C Y N 237 
TYR CD1  C Y N 238 
TYR CD2  C Y N 239 
TYR CE1  C Y N 240 
TYR CE2  C Y N 241 
TYR CZ   C Y N 242 
TYR OH   O N N 243 
TYR OXT  O N N 244 
TYR H    H N N 245 
TYR H2   H N N 246 
TYR HA   H N N 247 
TYR HB2  H N N 248 
TYR HB3  H N N 249 
TYR HD1  H N N 250 
TYR HD2  H N N 251 
TYR HE1  H N N 252 
TYR HE2  H N N 253 
TYR HH   H N N 254 
TYR HXT  H N N 255 
# 
loop_
_chem_comp_bond.comp_id 
_chem_comp_bond.atom_id_1 
_chem_comp_bond.atom_id_2 
_chem_comp_bond.value_order 
_chem_comp_bond.pdbx_aromatic_flag 
_chem_comp_bond.pdbx_stereo_config 
_chem_comp_bond.pdbx_ordinal 
ALA N   CA   sing N N 1   
ALA N   H    sing N N 2   
ALA N   H2   sing N N 3   
ALA CA  C    sing N N 4   
ALA CA  CB   sing N N 5   
ALA CA  HA   sing N N 6   
ALA C   O    doub N N 7   
ALA C   OXT  sing N N 8   
ALA CB  HB1  sing N N 9   
ALA CB  HB2  sing N N 10  
ALA CB  HB3  sing N N 11  
ALA OXT HXT  sing N N 12  
ARG N   CA   sing N N 13  
ARG N   H    sing N N 14  
ARG N   H2   sing N N 15  
ARG CA  C    sing N N 16  
ARG CA  CB   sing N N 17  
ARG CA  HA   sing N N 18  
ARG C   O    doub N N 19  
ARG C   OXT  sing N N 20  
ARG CB  CG   sing N N 21  
ARG CB  HB2  sing N N 22  
ARG CB  HB3  sing N N 23  
ARG CG  CD   sing N N 24  
ARG CG  HG2  sing N N 25  
ARG CG  HG3  sing N N 26  
ARG CD  NE   sing N N 27  
ARG CD  HD2  sing N N 28  
ARG CD  HD3  sing N N 29  
ARG NE  CZ   sing N N 30  
ARG NE  HE   sing N N 31  
ARG CZ  NH1  sing N N 32  
ARG CZ  NH2  doub N N 33  
ARG NH1 HH11 sing N N 34  
ARG NH1 HH12 sing N N 35  
ARG NH2 HH21 sing N N 36  
ARG NH2 HH22 sing N N 37  
ARG OXT HXT  sing N N 38  
ASN N   CA   sing N N 39  
ASN N   H    sing N N 40  
ASN N   H2   sing N N 41  
ASN CA  C    sing N N 42  
ASN CA  CB   sing N N 43  
ASN CA  HA   sing N N 44  
ASN C   O    doub N N 45  
ASN C   OXT  sing N N 46  
ASN CB  CG   sing N N 47  
ASN CB  HB2  sing N N 48  
ASN CB  HB3  sing N N 49  
ASN CG  OD1  doub N N 50  
ASN CG  ND2  sing N N 51  
ASN ND2 HD21 sing N N 52  
ASN ND2 HD22 sing N N 53  
ASN OXT HXT  sing N N 54  
ASP N   CA   sing N N 55  
ASP N   H    sing N N 56  
ASP N   H2   sing N N 57  
ASP CA  C    sing N N 58  
ASP CA  CB   sing N N 59  
ASP CA  HA   sing N N 60  
ASP C   O    doub N N 61  
ASP C   OXT  sing N N 62  
ASP CB  CG   sing N N 63  
ASP CB  HB2  sing N N 64  
ASP CB  HB3  sing N N 65  
ASP CG  OD1  doub N N 66  
ASP CG  OD2  sing N N 67  
ASP OD2 HD2  sing N N 68  
ASP OXT HXT  sing N N 69  
GLN N   CA   sing N N 70  
GLN N   H    sing N N 71  
GLN N   H2   sing N N 72  
GLN CA  C    sing N N 73  
GLN CA  CB   sing N N 74  
GLN CA  HA   sing N N 75  
GLN C   O    doub N N 76  
GLN C   OXT  sing N N 77  
GLN CB  CG   sing N N 78  
GLN CB  HB2  sing N N 79  
GLN CB  HB3  sing N N 80  
GLN CG  CD   sing N N 81  
GLN CG  HG2  sing N N 82  
GLN CG  HG3  sing N N 83  
GLN CD  OE1  doub N N 84  
GLN CD  NE2  sing N N 85  
GLN NE2 HE21 sing N N 86  
GLN NE2 HE22 sing N N 87  
GLN OXT HXT  sing N N 88  
GLU N   CA   sing N N 89  
GLU N   H    sing N N 90  
GLU N   H2   sing N N 91  
GLU CA  C    sing N N 92  
GLU CA  CB   sing N N 93  
GLU CA  HA   sing N N 94  
GLU C   O    doub N N 95  
GLU C   OXT  sing N N 96  
GLU CB  CG   sing N N 97  
GLU CB  HB2  sing N N 98  
GLU CB  HB3  sing N N 99  
GLU CG  CD   sing N N 100 
GLU CG  HG2  sing N N 101 
GLU CG  HG3  sing N N 102 
GLU CD  OE1  doub N N 103 
GLU CD  OE2  sing N N 104 
GLU OE2 HE2  sing N N 105 
GLU OXT HXT  sing N N 106 
GLY N   CA   sing N N 107 
GLY N   H    sing N N 108 
GLY N   H2   sing N N 109 
GLY CA  C    sing N N 110 
GLY CA  HA2  sing N N 111 
GLY CA  HA3  sing N N 112 
GLY C   O    doub N N 113 
GLY C   OXT  sing N N 114 
GLY OXT HXT  sing N N 115 
ILE N   CA   sing N N 116 
ILE N   H    sing N N 117 
ILE N   H2   sing N N 118 
ILE CA  C    sing N N 119 
ILE CA  CB   sing N N 120 
ILE CA  HA   sing N N 121 
ILE C   O    doub N N 122 
ILE C   OXT  sing N N 123 
ILE CB  CG1  sing N N 124 
ILE CB  CG2  sing N N 125 
ILE CB  HB   sing N N 126 
ILE CG1 CD1  sing N N 127 
ILE CG1 HG12 sing N N 128 
ILE CG1 HG13 sing N N 129 
ILE CG2 HG21 sing N N 130 
ILE CG2 HG22 sing N N 131 
ILE CG2 HG23 sing N N 132 
ILE CD1 HD11 sing N N 133 
ILE CD1 HD12 sing N N 134 
ILE CD1 HD13 sing N N 135 
ILE OXT HXT  sing N N 136 
LEU N   CA   sing N N 137 
LEU N   H    sing N N 138 
LEU N   H2   sing N N 139 
LEU CA  C    sing N N 140 
LEU CA  CB   sing N N 141 
LEU CA  HA   sing N N 142 
LEU C   O    doub N N 143 
LEU C   OXT  sing N N 144 
LEU CB  CG   sing N N 145 
LEU CB  HB2  sing N N 146 
LEU CB  HB3  sing N N 147 
LEU CG  CD1  sing N N 148 
LEU CG  CD2  sing N N 149 
LEU CG  HG   sing N N 150 
LEU CD1 HD11 sing N N 151 
LEU CD1 HD12 sing N N 152 
LEU CD1 HD13 sing N N 153 
LEU CD2 HD21 sing N N 154 
LEU CD2 HD22 sing N N 155 
LEU CD2 HD23 sing N N 156 
LEU OXT HXT  sing N N 157 
LYS N   CA   sing N N 158 
LYS N   H    sing N N 159 
LYS N   H2   sing N N 160 
LYS CA  C    sing N N 161 
LYS CA  CB   sing N N 162 
LYS CA  HA   sing N N 163 
LYS C   O    doub N N 164 
LYS C   OXT  sing N N 165 
LYS CB  CG   sing N N 166 
LYS CB  HB2  sing N N 167 
LYS CB  HB3  sing N N 168 
LYS CG  CD   sing N N 169 
LYS CG  HG2  sing N N 170 
LYS CG  HG3  sing N N 171 
LYS CD  CE   sing N N 172 
LYS CD  HD2  sing N N 173 
LYS CD  HD3  sing N N 174 
LYS CE  NZ   sing N N 175 
LYS CE  HE2  sing N N 176 
LYS CE  HE3  sing N N 177 
LYS NZ  HZ1  sing N N 178 
LYS NZ  HZ2  sing N N 179 
LYS NZ  HZ3  sing N N 180 
LYS OXT HXT  sing N N 181 
PHE N   CA   sing N N 182 
PHE N   H    sing N N 183 
PHE N   H2   sing N N 184 
PHE CA  C    sing N N 185 
PHE CA  CB   sing N N 186 
PHE CA  HA   sing N N 187 
PHE C   O    doub N N 188 
PHE C   OXT  sing N N 189 
PHE CB  CG   sing N N 190 
PHE CB  HB2  sing N N 191 
PHE CB  HB3  sing N N 192 
PHE CG  CD1  doub Y N 193 
PHE CG  CD2  sing Y N 194 
PHE CD1 CE1  sing Y N 195 
PHE CD1 HD1  sing N N 196 
PHE CD2 CE2  doub Y N 197 
PHE CD2 HD2  sing N N 198 
PHE CE1 CZ   doub Y N 199 
PHE CE1 HE1  sing N N 200 
PHE CE2 CZ   sing Y N 201 
PHE CE2 HE2  sing N N 202 
PHE CZ  HZ   sing N N 203 
PHE OXT HXT  sing N N 204 
THR N   CA   sing N N 205 
THR N   H    sing N N 206 
THR N   H2   sing N N 207 
THR CA  C    sing N N 208 
THR CA  CB   sing N N 209 
THR CA  HA   sing N N 210 
THR C   O    doub N N 211 
THR C   OXT  sing N N 212 
THR CB  OG1  sing N N 213 
THR CB  CG2  sing N N 214 
THR CB  HB   sing N N 215 
THR OG1 HG1  sing N N 216 
THR CG2 HG21 sing N N 217 
THR CG2 HG22 sing N N 218 
THR CG2 HG23 sing N N 219 
THR OXT HXT  sing N N 220 
TYR N   CA   sing N N 221 
TYR N   H    sing N N 222 
TYR N   H2   sing N N 223 
TYR CA  C    sing N N 224 
TYR CA  CB   sing N N 225 
TYR CA  HA   sing N N 226 
TYR C   O    doub N N 227 
TYR C   OXT  sing N N 228 
TYR CB  CG   sing N N 229 
TYR CB  HB2  sing N N 230 
TYR CB  HB3  sing N N 231 
TYR CG  CD1  doub Y N 232 
TYR CG  CD2  sing Y N 233 
TYR CD1 CE1  sing Y N 234 
TYR CD1 HD1  sing N N 235 
TYR CD2 CE2  doub Y N 236 
TYR CD2 HD2  sing N N 237 
TYR CE1 CZ   doub Y N 238 
TYR CE1 HE1  sing N N 239 
TYR CE2 CZ   sing Y N 240 
TYR CE2 HE2  sing N N 241 
TYR CZ  OH   sing N N 242 
TYR OH  HH   sing N N 243 
TYR OXT HXT  sing N N 244 
# 
_pdbx_nmr_spectrometer.spectrometer_id   1 
_pdbx_nmr_spectrometer.model             UNITYPLUS 
_pdbx_nmr_spectrometer.manufacturer      Varian 
_pdbx_nmr_spectrometer.field_strength    600 
# 
_atom_sites.entry_id                    1FSV 
_atom_sites.fract_transf_matrix[1][1]   1.000000 
_atom_sites.fract_transf_matrix[1][2]   0.000000 
_atom_sites.fract_transf_matrix[1][3]   0.000000 
_atom_sites.fract_transf_matrix[2][1]   0.000000 
_atom_sites.fract_transf_matrix[2][2]   1.000000 
_atom_sites.fract_transf_matrix[2][3]   0.000000 
_atom_sites.fract_transf_matrix[3][1]   0.000000 
_atom_sites.fract_transf_matrix[3][2]   0.000000 
_atom_sites.fract_transf_matrix[3][3]   1.000000 
_atom_sites.fract_transf_vector[1]      0.00000 
_atom_sites.fract_transf_vector[2]      0.00000 
_atom_sites.fract_transf_vector[3]      0.00000 
# 
loop_
_atom_type.symbol 
C 
H 
N 
O 
# 
loop_
_atom_site.group_PDB 
_atom_site.id 
_atom_site.type_symbol 
_atom_site.label_atom_id 
_atom_site.label_alt_id 
_atom_site.label_comp_id 
_atom_site.label_asym_id 
_atom_site.label_entity_id 
_atom_site.label_seq_id 
_atom_site.pdbx_PDB_ins_code 
_atom_site.Cartn_x 
_atom_site.Cartn_y 
_atom_site.Cartn_z 
_atom_site.occupancy 
_atom_site.B_iso_or_equiv 
_atom_site.pdbx_formal_charge 
_atom_site.auth_seq_id 
_atom_site.auth_comp_id 
_atom_site.auth_asym_id 
_atom_site.auth_atom_id 
_atom_site.pdbx_PDB_model_num 
ATOM 1   N N    . GLN A 1 1  ? -3.980  -2.915 -14.126 1.00 0.00 ? 1  GLN A N    1 
ATOM 2   C CA   . GLN A 1 1  ? -3.066  -3.983 -13.628 1.00 0.00 ? 1  GLN A CA   1 
ATOM 3   C C    . GLN A 1 1  ? -1.866  -3.358 -12.914 1.00 0.00 ? 1  GLN A C    1 
ATOM 4   O O    . GLN A 1 1  ? -0.828  -3.137 -13.508 1.00 0.00 ? 1  GLN A O    1 
ATOM 5   C CB   . GLN A 1 1  ? -2.612  -4.737 -14.880 1.00 0.00 ? 1  GLN A CB   1 
ATOM 6   C CG   . GLN A 1 1  ? -3.827  -5.364 -15.567 1.00 0.00 ? 1  GLN A CG   1 
ATOM 7   C CD   . GLN A 1 1  ? -3.359  -6.426 -16.564 1.00 0.00 ? 1  GLN A CD   1 
ATOM 8   O OE1  . GLN A 1 1  ? -3.359  -6.199 -17.758 1.00 0.00 ? 1  GLN A OE1  1 
ATOM 9   N NE2  . GLN A 1 1  ? -2.954  -7.584 -16.121 1.00 0.00 ? 1  GLN A NE2  1 
ATOM 10  H H1   . GLN A 1 1  ? -4.174  -2.239 -13.360 1.00 0.00 ? 1  GLN A H1   1 
ATOM 11  H H2   . GLN A 1 1  ? -3.532  -2.417 -14.922 1.00 0.00 ? 1  GLN A H2   1 
ATOM 12  H H3   . GLN A 1 1  ? -4.871  -3.344 -14.447 1.00 0.00 ? 1  GLN A H3   1 
ATOM 13  H HA   . GLN A 1 1  ? -3.594  -4.652 -12.965 1.00 0.00 ? 1  GLN A HA   1 
ATOM 14  H HB2  . GLN A 1 1  ? -2.130  -4.049 -15.557 1.00 0.00 ? 1  GLN A HB2  1 
ATOM 15  H HB3  . GLN A 1 1  ? -1.918  -5.516 -14.600 1.00 0.00 ? 1  GLN A HB3  1 
ATOM 16  H HG2  . GLN A 1 1  ? -4.464  -5.822 -14.826 1.00 0.00 ? 1  GLN A HG2  1 
ATOM 17  H HG3  . GLN A 1 1  ? -4.379  -4.599 -16.093 1.00 0.00 ? 1  GLN A HG3  1 
ATOM 18  H HE21 . GLN A 1 1  ? -2.952  -7.768 -15.158 1.00 0.00 ? 1  GLN A HE21 1 
ATOM 19  H HE22 . GLN A 1 1  ? -2.652  -8.272 -16.751 1.00 0.00 ? 1  GLN A HE22 1 
ATOM 20  N N    . GLN A 1 2  ? -2.004  -3.072 -11.644 1.00 0.00 ? 2  GLN A N    1 
ATOM 21  C CA   . GLN A 1 2  ? -0.875  -2.457 -10.885 1.00 0.00 ? 2  GLN A CA   1 
ATOM 22  C C    . GLN A 1 2  ? -0.742  -3.112 -9.502  1.00 0.00 ? 2  GLN A C    1 
ATOM 23  O O    . GLN A 1 2  ? -0.023  -4.083 -9.352  1.00 0.00 ? 2  GLN A O    1 
ATOM 24  C CB   . GLN A 1 2  ? -1.236  -0.973 -10.780 1.00 0.00 ? 2  GLN A CB   1 
ATOM 25  C CG   . GLN A 1 2  ? -0.548  -0.195 -11.906 1.00 0.00 ? 2  GLN A CG   1 
ATOM 26  C CD   . GLN A 1 2  ? -1.314  -0.407 -13.215 1.00 0.00 ? 2  GLN A CD   1 
ATOM 27  O OE1  . GLN A 1 2  ? -2.493  -0.702 -13.203 1.00 0.00 ? 2  GLN A OE1  1 
ATOM 28  N NE2  . GLN A 1 2  ? -0.689  -0.263 -14.352 1.00 0.00 ? 2  GLN A NE2  1 
ATOM 29  H H    . GLN A 1 2  ? -2.851  -3.260 -11.191 1.00 0.00 ? 2  GLN A H    1 
ATOM 30  H HA   . GLN A 1 2  ? 0.050   -2.570 -11.432 1.00 0.00 ? 2  GLN A HA   1 
ATOM 31  H HB2  . GLN A 1 2  ? -2.307  -0.856 -10.863 1.00 0.00 ? 2  GLN A HB2  1 
ATOM 32  H HB3  . GLN A 1 2  ? -0.906  -0.591 -9.826  1.00 0.00 ? 2  GLN A HB3  1 
ATOM 33  H HG2  . GLN A 1 2  ? -0.535  0.856  -11.662 1.00 0.00 ? 2  GLN A HG2  1 
ATOM 34  H HG3  . GLN A 1 2  ? 0.463   -0.552 -12.023 1.00 0.00 ? 2  GLN A HG3  1 
ATOM 35  H HE21 . GLN A 1 2  ? 0.261   -0.022 -14.362 1.00 0.00 ? 2  GLN A HE21 1 
ATOM 36  H HE22 . GLN A 1 2  ? -1.170  -0.395 -15.195 1.00 0.00 ? 2  GLN A HE22 1 
ATOM 37  N N    . TYR A 1 3  ? -1.408  -2.599 -8.487  1.00 0.00 ? 3  TYR A N    1 
ATOM 38  C CA   . TYR A 1 3  ? -1.278  -3.217 -7.136  1.00 0.00 ? 3  TYR A CA   1 
ATOM 39  C C    . TYR A 1 3  ? -2.641  -3.380 -6.469  1.00 0.00 ? 3  TYR A C    1 
ATOM 40  O O    . TYR A 1 3  ? -3.212  -2.442 -5.945  1.00 0.00 ? 3  TYR A O    1 
ATOM 41  C CB   . TYR A 1 3  ? -0.386  -2.262 -6.345  1.00 0.00 ? 3  TYR A CB   1 
ATOM 42  C CG   . TYR A 1 3  ? 1.035   -2.761 -6.410  1.00 0.00 ? 3  TYR A CG   1 
ATOM 43  C CD1  . TYR A 1 3  ? 1.749   -2.668 -7.607  1.00 0.00 ? 3  TYR A CD1  1 
ATOM 44  C CD2  . TYR A 1 3  ? 1.622   -3.341 -5.285  1.00 0.00 ? 3  TYR A CD2  1 
ATOM 45  C CE1  . TYR A 1 3  ? 3.055   -3.154 -7.685  1.00 0.00 ? 3  TYR A CE1  1 
ATOM 46  C CE2  . TYR A 1 3  ? 2.932   -3.835 -5.360  1.00 0.00 ? 3  TYR A CE2  1 
ATOM 47  C CZ   . TYR A 1 3  ? 3.650   -3.743 -6.559  1.00 0.00 ? 3  TYR A CZ   1 
ATOM 48  O OH   . TYR A 1 3  ? 4.942   -4.237 -6.631  1.00 0.00 ? 3  TYR A OH   1 
ATOM 49  H H    . TYR A 1 3  ? -1.981  -1.812 -8.608  1.00 0.00 ? 3  TYR A H    1 
ATOM 50  H HA   . TYR A 1 3  ? -0.796  -4.175 -7.214  1.00 0.00 ? 3  TYR A HA   1 
ATOM 51  H HB2  . TYR A 1 3  ? -0.443  -1.275 -6.776  1.00 0.00 ? 3  TYR A HB2  1 
ATOM 52  H HB3  . TYR A 1 3  ? -0.710  -2.233 -5.320  1.00 0.00 ? 3  TYR A HB3  1 
ATOM 53  H HD1  . TYR A 1 3  ? 1.296   -2.211 -8.471  1.00 0.00 ? 3  TYR A HD1  1 
ATOM 54  H HD2  . TYR A 1 3  ? 1.065   -3.407 -4.359  1.00 0.00 ? 3  TYR A HD2  1 
ATOM 55  H HE1  . TYR A 1 3  ? 3.599   -3.081 -8.615  1.00 0.00 ? 3  TYR A HE1  1 
ATOM 56  H HE2  . TYR A 1 3  ? 3.389   -4.286 -4.490  1.00 0.00 ? 3  TYR A HE2  1 
ATOM 57  H HH   . TYR A 1 3  ? 5.396   -3.802 -7.358  1.00 0.00 ? 3  TYR A HH   1 
ATOM 58  N N    . THR A 1 4  ? -3.150  -4.581 -6.473  1.00 0.00 ? 4  THR A N    1 
ATOM 59  C CA   . THR A 1 4  ? -4.469  -4.851 -5.830  1.00 0.00 ? 4  THR A CA   1 
ATOM 60  C C    . THR A 1 4  ? -4.276  -5.431 -4.421  1.00 0.00 ? 4  THR A C    1 
ATOM 61  O O    . THR A 1 4  ? -5.230  -5.646 -3.699  1.00 0.00 ? 4  THR A O    1 
ATOM 62  C CB   . THR A 1 4  ? -5.144  -5.877 -6.738  1.00 0.00 ? 4  THR A CB   1 
ATOM 63  O OG1  . THR A 1 4  ? -5.003  -5.473 -8.094  1.00 0.00 ? 4  THR A OG1  1 
ATOM 64  C CG2  . THR A 1 4  ? -6.628  -5.983 -6.385  1.00 0.00 ? 4  THR A CG2  1 
ATOM 65  H H    . THR A 1 4  ? -2.653  -5.315 -6.891  1.00 0.00 ? 4  THR A H    1 
ATOM 66  H HA   . THR A 1 4  ? -5.057  -3.952 -5.789  1.00 0.00 ? 4  THR A HA   1 
ATOM 67  H HB   . THR A 1 4  ? -4.674  -6.840 -6.599  1.00 0.00 ? 4  THR A HB   1 
ATOM 68  H HG1  . THR A 1 4  ? -5.361  -4.586 -8.176  1.00 0.00 ? 4  THR A HG1  1 
ATOM 69  H HG21 . THR A 1 4  ? -6.759  -5.817 -5.327  1.00 0.00 ? 4  THR A HG21 1 
ATOM 70  H HG22 . THR A 1 4  ? -7.182  -5.238 -6.937  1.00 0.00 ? 4  THR A HG22 1 
ATOM 71  H HG23 . THR A 1 4  ? -6.991  -6.966 -6.644  1.00 0.00 ? 4  THR A HG23 1 
ATOM 72  N N    . ALA A 1 5  ? -3.050  -5.691 -4.028  1.00 0.00 ? 5  ALA A N    1 
ATOM 73  C CA   . ALA A 1 5  ? -2.783  -6.262 -2.670  1.00 0.00 ? 5  ALA A CA   1 
ATOM 74  C C    . ALA A 1 5  ? -3.466  -5.430 -1.580  1.00 0.00 ? 5  ALA A C    1 
ATOM 75  O O    . ALA A 1 5  ? -2.913  -4.460 -1.095  1.00 0.00 ? 5  ALA A O    1 
ATOM 76  C CB   . ALA A 1 5  ? -1.261  -6.202 -2.499  1.00 0.00 ? 5  ALA A CB   1 
ATOM 77  H H    . ALA A 1 5  ? -2.304  -5.518 -4.628  1.00 0.00 ? 5  ALA A H    1 
ATOM 78  H HA   . ALA A 1 5  ? -3.113  -7.285 -2.628  1.00 0.00 ? 5  ALA A HA   1 
ATOM 79  H HB1  . ALA A 1 5  ? -0.793  -6.098 -3.467  1.00 0.00 ? 5  ALA A HB1  1 
ATOM 80  H HB2  . ALA A 1 5  ? -1.001  -5.353 -1.880  1.00 0.00 ? 5  ALA A HB2  1 
ATOM 81  H HB3  . ALA A 1 5  ? -0.917  -7.110 -2.028  1.00 0.00 ? 5  ALA A HB3  1 
ATOM 82  N N    . LYS A 1 6  ? -4.654  -5.808 -1.192  1.00 0.00 ? 6  LYS A N    1 
ATOM 83  C CA   . LYS A 1 6  ? -5.369  -5.045 -0.130  1.00 0.00 ? 6  LYS A CA   1 
ATOM 84  C C    . LYS A 1 6  ? -4.747  -5.365 1.231   1.00 0.00 ? 6  LYS A C    1 
ATOM 85  O O    . LYS A 1 6  ? -5.303  -6.107 2.018   1.00 0.00 ? 6  LYS A O    1 
ATOM 86  C CB   . LYS A 1 6  ? -6.820  -5.529 -0.191  1.00 0.00 ? 6  LYS A CB   1 
ATOM 87  C CG   . LYS A 1 6  ? -7.586  -4.724 -1.241  1.00 0.00 ? 6  LYS A CG   1 
ATOM 88  C CD   . LYS A 1 6  ? -9.085  -4.792 -0.942  1.00 0.00 ? 6  LYS A CD   1 
ATOM 89  C CE   . LYS A 1 6  ? -9.708  -5.966 -1.703  1.00 0.00 ? 6  LYS A CE   1 
ATOM 90  N NZ   . LYS A 1 6  ? -9.783  -7.071 -0.708  1.00 0.00 ? 6  LYS A NZ   1 
ATOM 91  H H    . LYS A 1 6  ? -5.073  -6.597 -1.596  1.00 0.00 ? 6  LYS A H    1 
ATOM 92  H HA   . LYS A 1 6  ? -5.321  -3.985 -0.333  1.00 0.00 ? 6  LYS A HA   1 
ATOM 93  H HB2  . LYS A 1 6  ? -6.839  -6.576 -0.453  1.00 0.00 ? 6  LYS A HB2  1 
ATOM 94  H HB3  . LYS A 1 6  ? -7.285  -5.391 0.774   1.00 0.00 ? 6  LYS A HB3  1 
ATOM 95  H HG2  . LYS A 1 6  ? -7.259  -3.695 -1.217  1.00 0.00 ? 6  LYS A HG2  1 
ATOM 96  H HG3  . LYS A 1 6  ? -7.398  -5.139 -2.221  1.00 0.00 ? 6  LYS A HG3  1 
ATOM 97  H HD2  . LYS A 1 6  ? -9.233  -4.931 0.119   1.00 0.00 ? 6  LYS A HD2  1 
ATOM 98  H HD3  . LYS A 1 6  ? -9.557  -3.872 -1.255  1.00 0.00 ? 6  LYS A HD3  1 
ATOM 99  H HE2  . LYS A 1 6  ? -10.696 -5.703 -2.053  1.00 0.00 ? 6  LYS A HE2  1 
ATOM 100 H HE3  . LYS A 1 6  ? -9.078  -6.255 -2.530  1.00 0.00 ? 6  LYS A HE3  1 
ATOM 101 H HZ1  . LYS A 1 6  ? -10.295 -6.746 0.136   1.00 0.00 ? 6  LYS A HZ1  1 
ATOM 102 H HZ2  . LYS A 1 6  ? -10.283 -7.882 -1.128  1.00 0.00 ? 6  LYS A HZ2  1 
ATOM 103 H HZ3  . LYS A 1 6  ? -8.821  -7.362 -0.437  1.00 0.00 ? 6  LYS A HZ3  1 
ATOM 104 N N    . ILE A 1 7  ? -3.590  -4.815 1.505   1.00 0.00 ? 7  ILE A N    1 
ATOM 105 C CA   . ILE A 1 7  ? -2.902  -5.082 2.814   1.00 0.00 ? 7  ILE A CA   1 
ATOM 106 C C    . ILE A 1 7  ? -3.845  -4.752 3.992   1.00 0.00 ? 7  ILE A C    1 
ATOM 107 O O    . ILE A 1 7  ? -4.686  -5.560 4.343   1.00 0.00 ? 7  ILE A O    1 
ATOM 108 C CB   . ILE A 1 7  ? -1.612  -4.221 2.777   1.00 0.00 ? 7  ILE A CB   1 
ATOM 109 C CG1  . ILE A 1 7  ? -0.887  -4.276 4.131   1.00 0.00 ? 7  ILE A CG1  1 
ATOM 110 C CG2  . ILE A 1 7  ? -1.904  -2.762 2.384   1.00 0.00 ? 7  ILE A CG2  1 
ATOM 111 C CD1  . ILE A 1 7  ? 0.487   -3.618 3.985   1.00 0.00 ? 7  ILE A CD1  1 
ATOM 112 H H    . ILE A 1 7  ? -3.166  -4.230 0.841   1.00 0.00 ? 7  ILE A H    1 
ATOM 113 H HA   . ILE A 1 7  ? -2.628  -6.127 2.862   1.00 0.00 ? 7  ILE A HA   1 
ATOM 114 H HB   . ILE A 1 7  ? -0.965  -4.634 2.031   1.00 0.00 ? 7  ILE A HB   1 
ATOM 115 H HG12 . ILE A 1 7  ? -1.455  -3.755 4.881   1.00 0.00 ? 7  ILE A HG12 1 
ATOM 116 H HG13 . ILE A 1 7  ? -0.757  -5.306 4.426   1.00 0.00 ? 7  ILE A HG13 1 
ATOM 117 H HG21 . ILE A 1 7  ? -2.952  -2.654 2.148   1.00 0.00 ? 7  ILE A HG21 1 
ATOM 118 H HG22 . ILE A 1 7  ? -1.652  -2.108 3.206   1.00 0.00 ? 7  ILE A HG22 1 
ATOM 119 H HG23 . ILE A 1 7  ? -1.312  -2.497 1.521   1.00 0.00 ? 7  ILE A HG23 1 
ATOM 120 H HD11 . ILE A 1 7  ? 0.417   -2.794 3.288   1.00 0.00 ? 7  ILE A HD11 1 
ATOM 121 H HD12 . ILE A 1 7  ? 0.812   -3.251 4.946   1.00 0.00 ? 7  ILE A HD12 1 
ATOM 122 H HD13 . ILE A 1 7  ? 1.196   -4.343 3.615   1.00 0.00 ? 7  ILE A HD13 1 
ATOM 123 N N    . LYS A 1 8  ? -3.739  -3.595 4.597   1.00 0.00 ? 8  LYS A N    1 
ATOM 124 C CA   . LYS A 1 8  ? -4.656  -3.255 5.723   1.00 0.00 ? 8  LYS A CA   1 
ATOM 125 C C    . LYS A 1 8  ? -6.092  -3.112 5.196   1.00 0.00 ? 8  LYS A C    1 
ATOM 126 O O    . LYS A 1 8  ? -7.048  -3.194 5.946   1.00 0.00 ? 8  LYS A O    1 
ATOM 127 C CB   . LYS A 1 8  ? -4.147  -1.921 6.276   1.00 0.00 ? 8  LYS A CB   1 
ATOM 128 C CG   . LYS A 1 8  ? -4.996  -1.506 7.481   1.00 0.00 ? 8  LYS A CG   1 
ATOM 129 C CD   . LYS A 1 8  ? -4.801  -2.511 8.618   1.00 0.00 ? 8  LYS A CD   1 
ATOM 130 C CE   . LYS A 1 8  ? -5.124  -1.838 9.954   1.00 0.00 ? 8  LYS A CE   1 
ATOM 131 N NZ   . LYS A 1 8  ? -4.889  -2.889 10.982  1.00 0.00 ? 8  LYS A NZ   1 
ATOM 132 H H    . LYS A 1 8  ? -3.079  -2.956 4.314   1.00 0.00 ? 8  LYS A H    1 
ATOM 133 H HA   . LYS A 1 8  ? -4.604  -4.013 6.480   1.00 0.00 ? 8  LYS A HA   1 
ATOM 134 H HB2  . LYS A 1 8  ? -3.116  -2.030 6.582   1.00 0.00 ? 8  LYS A HB2  1 
ATOM 135 H HB3  . LYS A 1 8  ? -4.217  -1.163 5.511   1.00 0.00 ? 8  LYS A HB3  1 
ATOM 136 H HG2  . LYS A 1 8  ? -4.692  -0.524 7.812   1.00 0.00 ? 8  LYS A HG2  1 
ATOM 137 H HG3  . LYS A 1 8  ? -6.036  -1.485 7.197   1.00 0.00 ? 8  LYS A HG3  1 
ATOM 138 H HD2  . LYS A 1 8  ? -5.459  -3.354 8.470   1.00 0.00 ? 8  LYS A HD2  1 
ATOM 139 H HD3  . LYS A 1 8  ? -3.776  -2.851 8.627   1.00 0.00 ? 8  LYS A HD3  1 
ATOM 140 H HE2  . LYS A 1 8  ? -4.466  -0.995 10.117  1.00 0.00 ? 8  LYS A HE2  1 
ATOM 141 H HE3  . LYS A 1 8  ? -6.155  -1.523 9.977   1.00 0.00 ? 8  LYS A HE3  1 
ATOM 142 H HZ1  . LYS A 1 8  ? -3.924  -3.263 10.882  1.00 0.00 ? 8  LYS A HZ1  1 
ATOM 143 H HZ2  . LYS A 1 8  ? -5.006  -2.479 11.932  1.00 0.00 ? 8  LYS A HZ2  1 
ATOM 144 H HZ3  . LYS A 1 8  ? -5.571  -3.662 10.851  1.00 0.00 ? 8  LYS A HZ3  1 
ATOM 145 N N    . GLY A 1 9  ? -6.245  -2.894 3.911   1.00 0.00 ? 9  GLY A N    1 
ATOM 146 C CA   . GLY A 1 9  ? -7.604  -2.739 3.319   1.00 0.00 ? 9  GLY A CA   1 
ATOM 147 C C    . GLY A 1 9  ? -7.552  -1.633 2.265   1.00 0.00 ? 9  GLY A C    1 
ATOM 148 O O    . GLY A 1 9  ? -8.311  -0.682 2.312   1.00 0.00 ? 9  GLY A O    1 
ATOM 149 H H    . GLY A 1 9  ? -5.461  -2.827 3.330   1.00 0.00 ? 9  GLY A H    1 
ATOM 150 H HA2  . GLY A 1 9  ? -7.910  -3.668 2.859   1.00 0.00 ? 9  GLY A HA2  1 
ATOM 151 H HA3  . GLY A 1 9  ? -8.308  -2.464 4.091   1.00 0.00 ? 9  GLY A HA3  1 
ATOM 152 N N    . ARG A 1 10 ? -6.646  -1.744 1.323   1.00 0.00 ? 10 ARG A N    1 
ATOM 153 C CA   . ARG A 1 10 ? -6.524  -0.690 0.273   1.00 0.00 ? 10 ARG A CA   1 
ATOM 154 C C    . ARG A 1 10 ? -5.799  -1.222 -0.964  1.00 0.00 ? 10 ARG A C    1 
ATOM 155 O O    . ARG A 1 10 ? -4.775  -1.866 -0.863  1.00 0.00 ? 10 ARG A O    1 
ATOM 156 C CB   . ARG A 1 10 ? -5.676  0.406  0.923   1.00 0.00 ? 10 ARG A CB   1 
ATOM 157 C CG   . ARG A 1 10 ? -5.949  1.759  0.247   1.00 0.00 ? 10 ARG A CG   1 
ATOM 158 C CD   . ARG A 1 10 ? -6.292  2.818  1.306   1.00 0.00 ? 10 ARG A CD   1 
ATOM 159 N NE   . ARG A 1 10 ? -7.721  3.182  1.047   1.00 0.00 ? 10 ARG A NE   1 
ATOM 160 C CZ   . ARG A 1 10 ? -8.068  3.899  -0.004  1.00 0.00 ? 10 ARG A CZ   1 
ATOM 161 N NH1  . ARG A 1 10 ? -7.179  4.323  -0.873  1.00 0.00 ? 10 ARG A NH1  1 
ATOM 162 N NH2  . ARG A 1 10 ? -9.325  4.197  -0.185  1.00 0.00 ? 10 ARG A NH2  1 
ATOM 163 H H    . ARG A 1 10 ? -6.038  -2.512 1.317   1.00 0.00 ? 10 ARG A H    1 
ATOM 164 H HA   . ARG A 1 10 ? -7.493  -0.297 0.010   1.00 0.00 ? 10 ARG A HA   1 
ATOM 165 H HB2  . ARG A 1 10 ? -5.914  0.466  1.975   1.00 0.00 ? 10 ARG A HB2  1 
ATOM 166 H HB3  . ARG A 1 10 ? -4.626  0.158  0.806   1.00 0.00 ? 10 ARG A HB3  1 
ATOM 167 H HG2  . ARG A 1 10 ? -5.065  2.070  -0.294  1.00 0.00 ? 10 ARG A HG2  1 
ATOM 168 H HG3  . ARG A 1 10 ? -6.774  1.660  -0.444  1.00 0.00 ? 10 ARG A HG3  1 
ATOM 169 H HD2  . ARG A 1 10 ? -6.183  2.407  2.300   1.00 0.00 ? 10 ARG A HD2  1 
ATOM 170 H HD3  . ARG A 1 10 ? -5.664  3.686  1.185   1.00 0.00 ? 10 ARG A HD3  1 
ATOM 171 H HE   . ARG A 1 10 ? -8.413  2.884  1.673   1.00 0.00 ? 10 ARG A HE   1 
ATOM 172 H HH11 . ARG A 1 10 ? -6.210  4.105  -0.755  1.00 0.00 ? 10 ARG A HH11 1 
ATOM 173 H HH12 . ARG A 1 10 ? -7.473  4.864  -1.660  1.00 0.00 ? 10 ARG A HH12 1 
ATOM 174 H HH21 . ARG A 1 10 ? -10.012 3.882  0.469   1.00 0.00 ? 10 ARG A HH21 1 
ATOM 175 H HH22 . ARG A 1 10 ? -9.602  4.740  -0.978  1.00 0.00 ? 10 ARG A HH22 1 
ATOM 176 N N    . THR A 1 11 ? -6.300  -0.912 -2.131  1.00 0.00 ? 11 THR A N    1 
ATOM 177 C CA   . THR A 1 11 ? -5.621  -1.344 -3.383  1.00 0.00 ? 11 THR A CA   1 
ATOM 178 C C    . THR A 1 11 ? -4.738  -0.187 -3.837  1.00 0.00 ? 11 THR A C    1 
ATOM 179 O O    . THR A 1 11 ? -5.167  0.952  -3.849  1.00 0.00 ? 11 THR A O    1 
ATOM 180 C CB   . THR A 1 11 ? -6.737  -1.621 -4.398  1.00 0.00 ? 11 THR A CB   1 
ATOM 181 O OG1  . THR A 1 11 ? -7.891  -0.846 -4.087  1.00 0.00 ? 11 THR A OG1  1 
ATOM 182 C CG2  . THR A 1 11 ? -7.097  -3.106 -4.373  1.00 0.00 ? 11 THR A CG2  1 
ATOM 183 H H    . THR A 1 11 ? -7.109  -0.364 -2.189  1.00 0.00 ? 11 THR A H    1 
ATOM 184 H HA   . THR A 1 11 ? -5.023  -2.230 -3.210  1.00 0.00 ? 11 THR A HA   1 
ATOM 185 H HB   . THR A 1 11 ? -6.392  -1.358 -5.381  1.00 0.00 ? 11 THR A HB   1 
ATOM 186 H HG1  . THR A 1 11 ? -8.034  -0.225 -4.805  1.00 0.00 ? 11 THR A HG1  1 
ATOM 187 H HG21 . THR A 1 11 ? -6.208  -3.688 -4.175  1.00 0.00 ? 11 THR A HG21 1 
ATOM 188 H HG22 . THR A 1 11 ? -7.825  -3.287 -3.597  1.00 0.00 ? 11 THR A HG22 1 
ATOM 189 H HG23 . THR A 1 11 ? -7.509  -3.394 -5.329  1.00 0.00 ? 11 THR A HG23 1 
ATOM 190 N N    . PHE A 1 12 ? -3.497  -0.451 -4.148  1.00 0.00 ? 12 PHE A N    1 
ATOM 191 C CA   . PHE A 1 12 ? -2.583  0.667  -4.527  1.00 0.00 ? 12 PHE A CA   1 
ATOM 192 C C    . PHE A 1 12 ? -2.356  0.743  -6.041  1.00 0.00 ? 12 PHE A C    1 
ATOM 193 O O    . PHE A 1 12 ? -2.412  -0.246 -6.750  1.00 0.00 ? 12 PHE A O    1 
ATOM 194 C CB   . PHE A 1 12 ? -1.288  0.352  -3.785  1.00 0.00 ? 12 PHE A CB   1 
ATOM 195 C CG   . PHE A 1 12 ? -1.580  0.303  -2.300  1.00 0.00 ? 12 PHE A CG   1 
ATOM 196 C CD1  . PHE A 1 12 ? -1.995  -0.894 -1.703  1.00 0.00 ? 12 PHE A CD1  1 
ATOM 197 C CD2  . PHE A 1 12 ? -1.443  1.457  -1.526  1.00 0.00 ? 12 PHE A CD2  1 
ATOM 198 C CE1  . PHE A 1 12 ? -2.266  -0.933 -0.332  1.00 0.00 ? 12 PHE A CE1  1 
ATOM 199 C CE2  . PHE A 1 12 ? -1.715  1.418  -0.159  1.00 0.00 ? 12 PHE A CE2  1 
ATOM 200 C CZ   . PHE A 1 12 ? -2.123  0.223  0.442   1.00 0.00 ? 12 PHE A CZ   1 
ATOM 201 H H    . PHE A 1 12 ? -3.152  -1.371 -4.084  1.00 0.00 ? 12 PHE A H    1 
ATOM 202 H HA   . PHE A 1 12 ? -2.979  1.602  -4.162  1.00 0.00 ? 12 PHE A HA   1 
ATOM 203 H HB2  . PHE A 1 12 ? -0.908  -0.605 -4.112  1.00 0.00 ? 12 PHE A HB2  1 
ATOM 204 H HB3  . PHE A 1 12 ? -0.559  1.122  -3.984  1.00 0.00 ? 12 PHE A HB3  1 
ATOM 205 H HD1  . PHE A 1 12 ? -2.123  -1.783 -2.302  1.00 0.00 ? 12 PHE A HD1  1 
ATOM 206 H HD2  . PHE A 1 12 ? -1.127  2.378  -1.982  1.00 0.00 ? 12 PHE A HD2  1 
ATOM 207 H HE1  . PHE A 1 12 ? -2.579  -1.859 0.129   1.00 0.00 ? 12 PHE A HE1  1 
ATOM 208 H HE2  . PHE A 1 12 ? -1.612  2.314  0.429   1.00 0.00 ? 12 PHE A HE2  1 
ATOM 209 H HZ   . PHE A 1 12 ? -2.333  0.194  1.503   1.00 0.00 ? 12 PHE A HZ   1 
ATOM 210 N N    . ARG A 1 13 ? -2.095  1.929  -6.534  1.00 0.00 ? 13 ARG A N    1 
ATOM 211 C CA   . ARG A 1 13 ? -1.853  2.110  -8.000  1.00 0.00 ? 13 ARG A CA   1 
ATOM 212 C C    . ARG A 1 13 ? -0.449  1.619  -8.381  1.00 0.00 ? 13 ARG A C    1 
ATOM 213 O O    . ARG A 1 13 ? -0.138  1.471  -9.548  1.00 0.00 ? 13 ARG A O    1 
ATOM 214 C CB   . ARG A 1 13 ? -1.962  3.618  -8.241  1.00 0.00 ? 13 ARG A CB   1 
ATOM 215 C CG   . ARG A 1 13 ? -3.354  4.110  -7.841  1.00 0.00 ? 13 ARG A CG   1 
ATOM 216 C CD   . ARG A 1 13 ? -3.361  5.640  -7.810  1.00 0.00 ? 13 ARG A CD   1 
ATOM 217 N NE   . ARG A 1 13 ? -4.304  6.001  -6.708  1.00 0.00 ? 13 ARG A NE   1 
ATOM 218 C CZ   . ARG A 1 13 ? -5.611  5.945  -6.873  1.00 0.00 ? 13 ARG A CZ   1 
ATOM 219 N NH1  . ARG A 1 13 ? -6.145  5.556  -8.008  1.00 0.00 ? 13 ARG A NH1  1 
ATOM 220 N NH2  . ARG A 1 13 ? -6.393  6.281  -5.884  1.00 0.00 ? 13 ARG A NH2  1 
ATOM 221 H H    . ARG A 1 13 ? -2.054  2.704  -5.935  1.00 0.00 ? 13 ARG A H    1 
ATOM 222 H HA   . ARG A 1 13 ? -2.604  1.591  -8.573  1.00 0.00 ? 13 ARG A HA   1 
ATOM 223 H HB2  . ARG A 1 13 ? -1.216  4.131  -7.651  1.00 0.00 ? 13 ARG A HB2  1 
ATOM 224 H HB3  . ARG A 1 13 ? -1.797  3.826  -9.288  1.00 0.00 ? 13 ARG A HB3  1 
ATOM 225 H HG2  . ARG A 1 13 ? -4.081  3.759  -8.561  1.00 0.00 ? 13 ARG A HG2  1 
ATOM 226 H HG3  . ARG A 1 13 ? -3.603  3.730  -6.863  1.00 0.00 ? 13 ARG A HG3  1 
ATOM 227 H HD2  . ARG A 1 13 ? -2.369  6.014  -7.598  1.00 0.00 ? 13 ARG A HD2  1 
ATOM 228 H HD3  . ARG A 1 13 ? -3.720  6.036  -8.747  1.00 0.00 ? 13 ARG A HD3  1 
ATOM 229 H HE   . ARG A 1 13 ? -3.943  6.292  -5.844  1.00 0.00 ? 13 ARG A HE   1 
ATOM 230 H HH11 . ARG A 1 13 ? -5.566  5.292  -8.777  1.00 0.00 ? 13 ARG A HH11 1 
ATOM 231 H HH12 . ARG A 1 13 ? -7.141  5.524  -8.103  1.00 0.00 ? 13 ARG A HH12 1 
ATOM 232 H HH21 . ARG A 1 13 ? -5.998  6.576  -5.015  1.00 0.00 ? 13 ARG A HH21 1 
ATOM 233 H HH22 . ARG A 1 13 ? -7.384  6.243  -5.996  1.00 0.00 ? 13 ARG A HH22 1 
ATOM 234 N N    . ASN A 1 14 ? 0.400   1.375  -7.412  1.00 0.00 ? 14 ASN A N    1 
ATOM 235 C CA   . ASN A 1 14 ? 1.779   0.897  -7.720  1.00 0.00 ? 14 ASN A CA   1 
ATOM 236 C C    . ASN A 1 14 ? 2.471   0.445  -6.431  1.00 0.00 ? 14 ASN A C    1 
ATOM 237 O O    . ASN A 1 14 ? 1.989   0.692  -5.342  1.00 0.00 ? 14 ASN A O    1 
ATOM 238 C CB   . ASN A 1 14 ? 2.502   2.105  -8.332  1.00 0.00 ? 14 ASN A CB   1 
ATOM 239 C CG   . ASN A 1 14 ? 2.502   3.275  -7.343  1.00 0.00 ? 14 ASN A CG   1 
ATOM 240 O OD1  . ASN A 1 14 ? 3.167   3.226  -6.329  1.00 0.00 ? 14 ASN A OD1  1 
ATOM 241 N ND2  . ASN A 1 14 ? 1.777   4.330  -7.598  1.00 0.00 ? 14 ASN A ND2  1 
ATOM 242 H H    . ASN A 1 14 ? 0.134   1.507  -6.480  1.00 0.00 ? 14 ASN A H    1 
ATOM 243 H HA   . ASN A 1 14 ? 1.747   0.087  -8.432  1.00 0.00 ? 14 ASN A HA   1 
ATOM 244 H HB2  . ASN A 1 14 ? 3.520   1.833  -8.565  1.00 0.00 ? 14 ASN A HB2  1 
ATOM 245 H HB3  . ASN A 1 14 ? 1.994   2.404  -9.237  1.00 0.00 ? 14 ASN A HB3  1 
ATOM 246 H HD21 . ASN A 1 14 ? 1.239   4.369  -8.415  1.00 0.00 ? 14 ASN A HD21 1 
ATOM 247 H HD22 . ASN A 1 14 ? 1.771   5.082  -6.970  1.00 0.00 ? 14 ASN A HD22 1 
ATOM 248 N N    . GLU A 1 15 ? 3.595   -0.210 -6.551  1.00 0.00 ? 15 GLU A N    1 
ATOM 249 C CA   . GLU A 1 15 ? 4.325   -0.679 -5.332  1.00 0.00 ? 15 GLU A CA   1 
ATOM 250 C C    . GLU A 1 15 ? 4.726   0.515  -4.465  1.00 0.00 ? 15 GLU A C    1 
ATOM 251 O O    . GLU A 1 15 ? 4.640   0.473  -3.254  1.00 0.00 ? 15 GLU A O    1 
ATOM 252 C CB   . GLU A 1 15 ? 5.565   -1.390 -5.855  1.00 0.00 ? 15 GLU A CB   1 
ATOM 253 C CG   . GLU A 1 15 ? 6.055   -2.390 -4.808  1.00 0.00 ? 15 GLU A CG   1 
ATOM 254 C CD   . GLU A 1 15 ? 7.393   -2.985 -5.253  1.00 0.00 ? 15 GLU A CD   1 
ATOM 255 O OE1  . GLU A 1 15 ? 8.408   -2.354 -5.013  1.00 0.00 ? 15 GLU A OE1  1 
ATOM 256 O OE2  . GLU A 1 15 ? 7.379   -4.062 -5.826  1.00 0.00 ? 15 GLU A OE2  1 
ATOM 257 H H    . GLU A 1 15 ? 3.961   -0.393 -7.442  1.00 0.00 ? 15 GLU A H    1 
ATOM 258 H HA   . GLU A 1 15 ? 3.717   -1.367 -4.770  1.00 0.00 ? 15 GLU A HA   1 
ATOM 259 H HB2  . GLU A 1 15 ? 5.318   -1.909 -6.768  1.00 0.00 ? 15 GLU A HB2  1 
ATOM 260 H HB3  . GLU A 1 15 ? 6.339   -0.662 -6.049  1.00 0.00 ? 15 GLU A HB3  1 
ATOM 261 H HG2  . GLU A 1 15 ? 6.182   -1.885 -3.862  1.00 0.00 ? 15 GLU A HG2  1 
ATOM 262 H HG3  . GLU A 1 15 ? 5.329   -3.182 -4.698  1.00 0.00 ? 15 GLU A HG3  1 
ATOM 263 N N    . LYS A 1 16 ? 5.168   1.581  -5.087  1.00 0.00 ? 16 LYS A N    1 
ATOM 264 C CA   . LYS A 1 16 ? 5.590   2.801  -4.321  1.00 0.00 ? 16 LYS A CA   1 
ATOM 265 C C    . LYS A 1 16 ? 4.520   3.203  -3.299  1.00 0.00 ? 16 LYS A C    1 
ATOM 266 O O    . LYS A 1 16 ? 4.812   3.412  -2.136  1.00 0.00 ? 16 LYS A O    1 
ATOM 267 C CB   . LYS A 1 16 ? 5.759   3.894  -5.376  1.00 0.00 ? 16 LYS A CB   1 
ATOM 268 C CG   . LYS A 1 16 ? 6.975   4.766  -5.036  1.00 0.00 ? 16 LYS A CG   1 
ATOM 269 C CD   . LYS A 1 16 ? 7.801   5.016  -6.303  1.00 0.00 ? 16 LYS A CD   1 
ATOM 270 C CE   . LYS A 1 16 ? 8.337   6.453  -6.297  1.00 0.00 ? 16 LYS A CE   1 
ATOM 271 N NZ   . LYS A 1 16 ? 9.771   6.330  -5.912  1.00 0.00 ? 16 LYS A NZ   1 
ATOM 272 H H    . LYS A 1 16 ? 5.232   1.577  -6.063  1.00 0.00 ? 16 LYS A H    1 
ATOM 273 H HA   . LYS A 1 16 ? 6.527   2.623  -3.832  1.00 0.00 ? 16 LYS A HA   1 
ATOM 274 H HB2  . LYS A 1 16 ? 5.903   3.433  -6.341  1.00 0.00 ? 16 LYS A HB2  1 
ATOM 275 H HB3  . LYS A 1 16 ? 4.873   4.507  -5.399  1.00 0.00 ? 16 LYS A HB3  1 
ATOM 276 H HG2  . LYS A 1 16 ? 6.636   5.710  -4.633  1.00 0.00 ? 16 LYS A HG2  1 
ATOM 277 H HG3  . LYS A 1 16 ? 7.589   4.263  -4.305  1.00 0.00 ? 16 LYS A HG3  1 
ATOM 278 H HD2  . LYS A 1 16 ? 8.629   4.323  -6.334  1.00 0.00 ? 16 LYS A HD2  1 
ATOM 279 H HD3  . LYS A 1 16 ? 7.180   4.871  -7.174  1.00 0.00 ? 16 LYS A HD3  1 
ATOM 280 H HE2  . LYS A 1 16 ? 8.247   6.889  -7.283  1.00 0.00 ? 16 LYS A HE2  1 
ATOM 281 H HE3  . LYS A 1 16 ? 7.808   7.052  -5.572  1.00 0.00 ? 16 LYS A HE3  1 
ATOM 282 H HZ1  . LYS A 1 16 ? 10.222  5.589  -6.486  1.00 0.00 ? 16 LYS A HZ1  1 
ATOM 283 H HZ2  . LYS A 1 16 ? 10.253  7.237  -6.075  1.00 0.00 ? 16 LYS A HZ2  1 
ATOM 284 H HZ3  . LYS A 1 16 ? 9.839   6.080  -4.906  1.00 0.00 ? 16 LYS A HZ3  1 
ATOM 285 N N    . GLU A 1 17 ? 3.281   3.294  -3.721  1.00 0.00 ? 17 GLU A N    1 
ATOM 286 C CA   . GLU A 1 17 ? 2.196   3.661  -2.764  1.00 0.00 ? 17 GLU A CA   1 
ATOM 287 C C    . GLU A 1 17 ? 2.049   2.543  -1.738  1.00 0.00 ? 17 GLU A C    1 
ATOM 288 O O    . GLU A 1 17 ? 1.977   2.791  -0.550  1.00 0.00 ? 17 GLU A O    1 
ATOM 289 C CB   . GLU A 1 17 ? 0.923   3.812  -3.609  1.00 0.00 ? 17 GLU A CB   1 
ATOM 290 C CG   . GLU A 1 17 ? 0.469   5.273  -3.602  1.00 0.00 ? 17 GLU A CG   1 
ATOM 291 C CD   . GLU A 1 17 ? -0.963  5.364  -4.132  1.00 0.00 ? 17 GLU A CD   1 
ATOM 292 O OE1  . GLU A 1 17 ? -1.172  5.010  -5.281  1.00 0.00 ? 17 GLU A OE1  1 
ATOM 293 O OE2  . GLU A 1 17 ? -1.828  5.784  -3.380  1.00 0.00 ? 17 GLU A OE2  1 
ATOM 294 H H    . GLU A 1 17 ? 3.069   3.107  -4.661  1.00 0.00 ? 17 GLU A H    1 
ATOM 295 H HA   . GLU A 1 17 ? 2.437   4.587  -2.266  1.00 0.00 ? 17 GLU A HA   1 
ATOM 296 H HB2  . GLU A 1 17 ? 1.127   3.503  -4.624  1.00 0.00 ? 17 GLU A HB2  1 
ATOM 297 H HB3  . GLU A 1 17 ? 0.143   3.195  -3.196  1.00 0.00 ? 17 GLU A HB3  1 
ATOM 298 H HG2  . GLU A 1 17 ? 0.505   5.656  -2.593  1.00 0.00 ? 17 GLU A HG2  1 
ATOM 299 H HG3  . GLU A 1 17 ? 1.121   5.857  -4.233  1.00 0.00 ? 17 GLU A HG3  1 
ATOM 300 N N    . LEU A 1 18 ? 2.051   1.306  -2.182  1.00 0.00 ? 18 LEU A N    1 
ATOM 301 C CA   . LEU A 1 18 ? 1.966   0.166  -1.214  1.00 0.00 ? 18 LEU A CA   1 
ATOM 302 C C    . LEU A 1 18 ? 3.130   0.282  -0.222  1.00 0.00 ? 18 LEU A C    1 
ATOM 303 O O    . LEU A 1 18 ? 3.035   -0.120 0.922   1.00 0.00 ? 18 LEU A O    1 
ATOM 304 C CB   . LEU A 1 18 ? 2.095   -1.106 -2.057  1.00 0.00 ? 18 LEU A CB   1 
ATOM 305 C CG   . LEU A 1 18 ? 1.986   -2.331 -1.145  1.00 0.00 ? 18 LEU A CG   1 
ATOM 306 C CD1  . LEU A 1 18 ? 0.536   -2.500 -0.687  1.00 0.00 ? 18 LEU A CD1  1 
ATOM 307 C CD2  . LEU A 1 18 ? 2.441   -3.587 -1.902  1.00 0.00 ? 18 LEU A CD2  1 
ATOM 308 H H    . LEU A 1 18 ? 2.146   1.130  -3.142  1.00 0.00 ? 18 LEU A H    1 
ATOM 309 H HA   . LEU A 1 18 ? 1.019   0.179  -0.696  1.00 0.00 ? 18 LEU A HA   1 
ATOM 310 H HB2  . LEU A 1 18 ? 1.305   -1.132 -2.793  1.00 0.00 ? 18 LEU A HB2  1 
ATOM 311 H HB3  . LEU A 1 18 ? 3.052   -1.113 -2.554  1.00 0.00 ? 18 LEU A HB3  1 
ATOM 312 H HG   . LEU A 1 18 ? 2.617   -2.187 -0.282  1.00 0.00 ? 18 LEU A HG   1 
ATOM 313 H HD11 . LEU A 1 18 ? -0.112  -2.528 -1.550  1.00 0.00 ? 18 LEU A HD11 1 
ATOM 314 H HD12 . LEU A 1 18 ? 0.438   -3.422 -0.132  1.00 0.00 ? 18 LEU A HD12 1 
ATOM 315 H HD13 . LEU A 1 18 ? 0.259   -1.668 -0.055  1.00 0.00 ? 18 LEU A HD13 1 
ATOM 316 H HD21 . LEU A 1 18 ? 2.483   -3.377 -2.958  1.00 0.00 ? 18 LEU A HD21 1 
ATOM 317 H HD22 . LEU A 1 18 ? 3.421   -3.879 -1.554  1.00 0.00 ? 18 LEU A HD22 1 
ATOM 318 H HD23 . LEU A 1 18 ? 1.742   -4.392 -1.725  1.00 0.00 ? 18 LEU A HD23 1 
ATOM 319 N N    . ARG A 1 19 ? 4.219   0.868  -0.661  1.00 0.00 ? 19 ARG A N    1 
ATOM 320 C CA   . ARG A 1 19 ? 5.390   1.065  0.229   1.00 0.00 ? 19 ARG A CA   1 
ATOM 321 C C    . ARG A 1 19 ? 5.181   2.343  1.045   1.00 0.00 ? 19 ARG A C    1 
ATOM 322 O O    . ARG A 1 19 ? 5.628   2.448  2.172   1.00 0.00 ? 19 ARG A O    1 
ATOM 323 C CB   . ARG A 1 19 ? 6.588   1.206  -0.717  1.00 0.00 ? 19 ARG A CB   1 
ATOM 324 C CG   . ARG A 1 19 ? 7.865   1.430  0.098   1.00 0.00 ? 19 ARG A CG   1 
ATOM 325 C CD   . ARG A 1 19 ? 9.091   1.164  -0.785  1.00 0.00 ? 19 ARG A CD   1 
ATOM 326 N NE   . ARG A 1 19 ? 10.021  2.304  -0.515  1.00 0.00 ? 19 ARG A NE   1 
ATOM 327 C CZ   . ARG A 1 19 ? 10.994  2.610  -1.352  1.00 0.00 ? 19 ARG A CZ   1 
ATOM 328 N NH1  . ARG A 1 19 ? 11.195  1.924  -2.454  1.00 0.00 ? 19 ARG A NH1  1 
ATOM 329 N NH2  . ARG A 1 19 ? 11.776  3.617  -1.077  1.00 0.00 ? 19 ARG A NH2  1 
ATOM 330 H H    . ARG A 1 19 ? 4.254   1.201  -1.582  1.00 0.00 ? 19 ARG A H    1 
ATOM 331 H HA   . ARG A 1 19 ? 5.522   0.217  0.882   1.00 0.00 ? 19 ARG A HA   1 
ATOM 332 H HB2  . ARG A 1 19 ? 6.689   0.304  -1.303  1.00 0.00 ? 19 ARG A HB2  1 
ATOM 333 H HB3  . ARG A 1 19 ? 6.431   2.047  -1.378  1.00 0.00 ? 19 ARG A HB3  1 
ATOM 334 H HG2  . ARG A 1 19 ? 7.891   2.450  0.453   1.00 0.00 ? 19 ARG A HG2  1 
ATOM 335 H HG3  . ARG A 1 19 ? 7.878   0.755  0.939   1.00 0.00 ? 19 ARG A HG3  1 
ATOM 336 H HD2  . ARG A 1 19 ? 9.552   0.226  -0.510  1.00 0.00 ? 19 ARG A HD2  1 
ATOM 337 H HD3  . ARG A 1 19 ? 8.810   1.156  -1.827  1.00 0.00 ? 19 ARG A HD3  1 
ATOM 338 H HE   . ARG A 1 19 ? 9.905   2.836  0.301   1.00 0.00 ? 19 ARG A HE   1 
ATOM 339 H HH11 . ARG A 1 19 ? 10.610  1.148  -2.681  1.00 0.00 ? 19 ARG A HH11 1 
ATOM 340 H HH12 . ARG A 1 19 ? 11.940  2.180  -3.068  1.00 0.00 ? 19 ARG A HH12 1 
ATOM 341 H HH21 . ARG A 1 19 ? 11.635  4.146  -0.240  1.00 0.00 ? 19 ARG A HH21 1 
ATOM 342 H HH22 . ARG A 1 19 ? 12.518  3.859  -1.702  1.00 0.00 ? 19 ARG A HH22 1 
ATOM 343 N N    . ASP A 1 20 ? 4.481   3.310  0.490   1.00 0.00 ? 20 ASP A N    1 
ATOM 344 C CA   . ASP A 1 20 ? 4.221   4.572  1.244   1.00 0.00 ? 20 ASP A CA   1 
ATOM 345 C C    . ASP A 1 20 ? 2.966   4.427  2.118   1.00 0.00 ? 20 ASP A C    1 
ATOM 346 O O    . ASP A 1 20 ? 2.551   5.364  2.773   1.00 0.00 ? 20 ASP A O    1 
ATOM 347 C CB   . ASP A 1 20 ? 4.010   5.638  0.168   1.00 0.00 ? 20 ASP A CB   1 
ATOM 348 C CG   . ASP A 1 20 ? 5.299   5.811  -0.639  1.00 0.00 ? 20 ASP A CG   1 
ATOM 349 O OD1  . ASP A 1 20 ? 6.351   5.895  -0.026  1.00 0.00 ? 20 ASP A OD1  1 
ATOM 350 O OD2  . ASP A 1 20 ? 5.211   5.858  -1.855  1.00 0.00 ? 20 ASP A OD2  1 
ATOM 351 H H    . ASP A 1 20 ? 4.115   3.199  -0.419  1.00 0.00 ? 20 ASP A H    1 
ATOM 352 H HA   . ASP A 1 20 ? 5.074   4.826  1.855   1.00 0.00 ? 20 ASP A HA   1 
ATOM 353 H HB2  . ASP A 1 20 ? 3.210   5.330  -0.490  1.00 0.00 ? 20 ASP A HB2  1 
ATOM 354 H HB3  . ASP A 1 20 ? 3.751   6.577  0.634   1.00 0.00 ? 20 ASP A HB3  1 
ATOM 355 N N    . PHE A 1 21 ? 2.371   3.255  2.150   1.00 0.00 ? 21 PHE A N    1 
ATOM 356 C CA   . PHE A 1 21 ? 1.165   3.042  2.993   1.00 0.00 ? 21 PHE A CA   1 
ATOM 357 C C    . PHE A 1 21 ? 1.613   2.629  4.390   1.00 0.00 ? 21 PHE A C    1 
ATOM 358 O O    . PHE A 1 21 ? 1.169   3.177  5.385   1.00 0.00 ? 21 PHE A O    1 
ATOM 359 C CB   . PHE A 1 21 ? 0.405   1.906  2.306   1.00 0.00 ? 21 PHE A CB   1 
ATOM 360 C CG   . PHE A 1 21 ? -0.845  1.600  3.087   1.00 0.00 ? 21 PHE A CG   1 
ATOM 361 C CD1  . PHE A 1 21 ? -1.994  2.376  2.900   1.00 0.00 ? 21 PHE A CD1  1 
ATOM 362 C CD2  . PHE A 1 21 ? -0.848  0.551  4.010   1.00 0.00 ? 21 PHE A CD2  1 
ATOM 363 C CE1  . PHE A 1 21 ? -3.147  2.101  3.637   1.00 0.00 ? 21 PHE A CE1  1 
ATOM 364 C CE2  . PHE A 1 21 ? -2.003  0.273  4.748   1.00 0.00 ? 21 PHE A CE2  1 
ATOM 365 C CZ   . PHE A 1 21 ? -3.155  1.049  4.562   1.00 0.00 ? 21 PHE A CZ   1 
ATOM 366 H H    . PHE A 1 21 ? 2.729   2.509  1.632   1.00 0.00 ? 21 PHE A H    1 
ATOM 367 H HA   . PHE A 1 21 ? 0.554   3.933  3.034   1.00 0.00 ? 21 PHE A HA   1 
ATOM 368 H HB2  . PHE A 1 21 ? 0.145   2.204  1.304   1.00 0.00 ? 21 PHE A HB2  1 
ATOM 369 H HB3  . PHE A 1 21 ? 1.030   1.025  2.270   1.00 0.00 ? 21 PHE A HB3  1 
ATOM 370 H HD1  . PHE A 1 21 ? -1.989  3.185  2.186   1.00 0.00 ? 21 PHE A HD1  1 
ATOM 371 H HD2  . PHE A 1 21 ? 0.041   -0.048 4.151   1.00 0.00 ? 21 PHE A HD2  1 
ATOM 372 H HE1  . PHE A 1 21 ? -4.032  2.702  3.495   1.00 0.00 ? 21 PHE A HE1  1 
ATOM 373 H HE2  . PHE A 1 21 ? -2.006  -0.537 5.460   1.00 0.00 ? 21 PHE A HE2  1 
ATOM 374 H HZ   . PHE A 1 21 ? -4.047  0.837  5.132   1.00 0.00 ? 21 PHE A HZ   1 
ATOM 375 N N    . ILE A 1 22 ? 2.509   1.676  4.470   1.00 0.00 ? 22 ILE A N    1 
ATOM 376 C CA   . ILE A 1 22 ? 3.004   1.241  5.803   1.00 0.00 ? 22 ILE A CA   1 
ATOM 377 C C    . ILE A 1 22 ? 3.731   2.413  6.468   1.00 0.00 ? 22 ILE A C    1 
ATOM 378 O O    . ILE A 1 22 ? 3.768   2.523  7.680   1.00 0.00 ? 22 ILE A O    1 
ATOM 379 C CB   . ILE A 1 22 ? 3.938   0.057  5.552   1.00 0.00 ? 22 ILE A CB   1 
ATOM 380 C CG1  . ILE A 1 22 ? 3.158   -1.062 4.854   1.00 0.00 ? 22 ILE A CG1  1 
ATOM 381 C CG2  . ILE A 1 22 ? 4.475   -0.459 6.887   1.00 0.00 ? 22 ILE A CG2  1 
ATOM 382 C CD1  . ILE A 1 22 ? 4.119   -2.180 4.450   1.00 0.00 ? 22 ILE A CD1  1 
ATOM 383 H H    . ILE A 1 22 ? 2.862   1.264  3.654   1.00 0.00 ? 22 ILE A H    1 
ATOM 384 H HA   . ILE A 1 22 ? 2.176   0.928  6.406   1.00 0.00 ? 22 ILE A HA   1 
ATOM 385 H HB   . ILE A 1 22 ? 4.756   0.370  4.935   1.00 0.00 ? 22 ILE A HB   1 
ATOM 386 H HG12 . ILE A 1 22 ? 2.412   -1.456 5.529   1.00 0.00 ? 22 ILE A HG12 1 
ATOM 387 H HG13 . ILE A 1 22 ? 2.675   -0.671 3.973   1.00 0.00 ? 22 ILE A HG13 1 
ATOM 388 H HG21 . ILE A 1 22 ? 4.817   0.374  7.483   1.00 0.00 ? 22 ILE A HG21 1 
ATOM 389 H HG22 . ILE A 1 22 ? 3.690   -0.981 7.414   1.00 0.00 ? 22 ILE A HG22 1 
ATOM 390 H HG23 . ILE A 1 22 ? 5.300   -1.134 6.706   1.00 0.00 ? 22 ILE A HG23 1 
ATOM 391 H HD11 . ILE A 1 22 ? 4.988   -1.752 3.974   1.00 0.00 ? 22 ILE A HD11 1 
ATOM 392 H HD12 . ILE A 1 22 ? 4.422   -2.728 5.329   1.00 0.00 ? 22 ILE A HD12 1 
ATOM 393 H HD13 . ILE A 1 22 ? 3.624   -2.847 3.761   1.00 0.00 ? 22 ILE A HD13 1 
ATOM 394 N N    . GLU A 1 23 ? 4.272   3.320  5.680   1.00 0.00 ? 23 GLU A N    1 
ATOM 395 C CA   . GLU A 1 23 ? 4.949   4.512  6.264   1.00 0.00 ? 23 GLU A CA   1 
ATOM 396 C C    . GLU A 1 23 ? 3.905   5.334  7.025   1.00 0.00 ? 23 GLU A C    1 
ATOM 397 O O    . GLU A 1 23 ? 4.150   5.840  8.104   1.00 0.00 ? 23 GLU A O    1 
ATOM 398 C CB   . GLU A 1 23 ? 5.498   5.301  5.072   1.00 0.00 ? 23 GLU A CB   1 
ATOM 399 C CG   . GLU A 1 23 ? 6.382   6.448  5.571   1.00 0.00 ? 23 GLU A CG   1 
ATOM 400 C CD   . GLU A 1 23 ? 5.581   7.753  5.575   1.00 0.00 ? 23 GLU A CD   1 
ATOM 401 O OE1  . GLU A 1 23 ? 4.708   7.887  6.419   1.00 0.00 ? 23 GLU A OE1  1 
ATOM 402 O OE2  . GLU A 1 23 ? 5.851   8.595  4.734   1.00 0.00 ? 23 GLU A OE2  1 
ATOM 403 H H    . GLU A 1 23 ? 4.210   3.229  4.706   1.00 0.00 ? 23 GLU A H    1 
ATOM 404 H HA   . GLU A 1 23 ? 5.748   4.206  6.914   1.00 0.00 ? 23 GLU A HA   1 
ATOM 405 H HB2  . GLU A 1 23 ? 6.083   4.643  4.446   1.00 0.00 ? 23 GLU A HB2  1 
ATOM 406 H HB3  . GLU A 1 23 ? 4.677   5.703  4.498   1.00 0.00 ? 23 GLU A HB3  1 
ATOM 407 H HG2  . GLU A 1 23 ? 6.722   6.232  6.574   1.00 0.00 ? 23 GLU A HG2  1 
ATOM 408 H HG3  . GLU A 1 23 ? 7.234   6.556  4.918   1.00 0.00 ? 23 GLU A HG3  1 
ATOM 409 N N    . LYS A 1 24 ? 2.723   5.439  6.466   1.00 0.00 ? 24 LYS A N    1 
ATOM 410 C CA   . LYS A 1 24 ? 1.618   6.190  7.135   1.00 0.00 ? 24 LYS A CA   1 
ATOM 411 C C    . LYS A 1 24 ? 0.749   5.233  7.976   1.00 0.00 ? 24 LYS A C    1 
ATOM 412 O O    . LYS A 1 24 ? -0.271  5.618  8.512   1.00 0.00 ? 24 LYS A O    1 
ATOM 413 C CB   . LYS A 1 24 ? 0.800   6.774  5.986   1.00 0.00 ? 24 LYS A CB   1 
ATOM 414 C CG   . LYS A 1 24 ? 1.347   8.158  5.606   1.00 0.00 ? 24 LYS A CG   1 
ATOM 415 C CD   . LYS A 1 24 ? 0.404   9.248  6.122   1.00 0.00 ? 24 LYS A CD   1 
ATOM 416 C CE   . LYS A 1 24 ? -0.720  9.470  5.108   1.00 0.00 ? 24 LYS A CE   1 
ATOM 417 N NZ   . LYS A 1 24 ? -1.646  10.434 5.766   1.00 0.00 ? 24 LYS A NZ   1 
ATOM 418 H H    . LYS A 1 24 ? 2.556   5.000  5.607   1.00 0.00 ? 24 LYS A H    1 
ATOM 419 H HA   . LYS A 1 24 ? 2.010   6.983  7.746   1.00 0.00 ? 24 LYS A HA   1 
ATOM 420 H HB2  . LYS A 1 24 ? 0.863   6.114  5.131   1.00 0.00 ? 24 LYS A HB2  1 
ATOM 421 H HB3  . LYS A 1 24 ? -0.228  6.866  6.294   1.00 0.00 ? 24 LYS A HB3  1 
ATOM 422 H HG2  . LYS A 1 24 ? 2.327   8.293  6.042   1.00 0.00 ? 24 LYS A HG2  1 
ATOM 423 H HG3  . LYS A 1 24 ? 1.422   8.230  4.531   1.00 0.00 ? 24 LYS A HG3  1 
ATOM 424 H HD2  . LYS A 1 24 ? -0.018  8.940  7.068   1.00 0.00 ? 24 LYS A HD2  1 
ATOM 425 H HD3  . LYS A 1 24 ? 0.954   10.167 6.255   1.00 0.00 ? 24 LYS A HD3  1 
ATOM 426 H HE2  . LYS A 1 24 ? -0.323  9.890  4.194   1.00 0.00 ? 24 LYS A HE2  1 
ATOM 427 H HE3  . LYS A 1 24 ? -1.234  8.543  4.906   1.00 0.00 ? 24 LYS A HE3  1 
ATOM 428 H HZ1  . LYS A 1 24 ? -1.107  11.257 6.102   1.00 0.00 ? 24 LYS A HZ1  1 
ATOM 429 H HZ2  . LYS A 1 24 ? -2.366  10.745 5.084   1.00 0.00 ? 24 LYS A HZ2  1 
ATOM 430 H HZ3  . LYS A 1 24 ? -2.114  9.971  6.571   1.00 0.00 ? 24 LYS A HZ3  1 
ATOM 431 N N    . PHE A 1 25 ? 1.152   3.990  8.087   1.00 0.00 ? 25 PHE A N    1 
ATOM 432 C CA   . PHE A 1 25 ? 0.370   2.989  8.882   1.00 0.00 ? 25 PHE A CA   1 
ATOM 433 C C    . PHE A 1 25 ? 0.819   2.991  10.355  1.00 0.00 ? 25 PHE A C    1 
ATOM 434 O O    . PHE A 1 25 ? 0.383   2.178  11.146  1.00 0.00 ? 25 PHE A O    1 
ATOM 435 C CB   . PHE A 1 25 ? 0.724   1.667  8.194   1.00 0.00 ? 25 PHE A CB   1 
ATOM 436 C CG   . PHE A 1 25 ? 0.172   0.465  8.915   1.00 0.00 ? 25 PHE A CG   1 
ATOM 437 C CD1  . PHE A 1 25 ? -1.059  0.513  9.576   1.00 0.00 ? 25 PHE A CD1  1 
ATOM 438 C CD2  . PHE A 1 25 ? 0.916   -0.717 8.897   1.00 0.00 ? 25 PHE A CD2  1 
ATOM 439 C CE1  . PHE A 1 25 ? -1.546  -0.626 10.225  1.00 0.00 ? 25 PHE A CE1  1 
ATOM 440 C CE2  . PHE A 1 25 ? 0.432   -1.857 9.545   1.00 0.00 ? 25 PHE A CE2  1 
ATOM 441 C CZ   . PHE A 1 25 ? -0.801  -1.812 10.211  1.00 0.00 ? 25 PHE A CZ   1 
ATOM 442 H H    . PHE A 1 25 ? 1.978   3.704  7.645   1.00 0.00 ? 25 PHE A H    1 
ATOM 443 H HA   . PHE A 1 25 ? -0.690  3.175  8.803   1.00 0.00 ? 25 PHE A HA   1 
ATOM 444 H HB2  . PHE A 1 25 ? 0.337   1.679  7.189   1.00 0.00 ? 25 PHE A HB2  1 
ATOM 445 H HB3  . PHE A 1 25 ? 1.799   1.581  8.156   1.00 0.00 ? 25 PHE A HB3  1 
ATOM 446 H HD1  . PHE A 1 25 ? -1.627  1.432  9.590   1.00 0.00 ? 25 PHE A HD1  1 
ATOM 447 H HD2  . PHE A 1 25 ? 1.870   -0.741 8.375   1.00 0.00 ? 25 PHE A HD2  1 
ATOM 448 H HE1  . PHE A 1 25 ? -2.497  -0.591 10.736  1.00 0.00 ? 25 PHE A HE1  1 
ATOM 449 H HE2  . PHE A 1 25 ? 1.007   -2.772 9.534   1.00 0.00 ? 25 PHE A HE2  1 
ATOM 450 H HZ   . PHE A 1 25 ? -1.175  -2.693 10.711  1.00 0.00 ? 25 PHE A HZ   1 
ATOM 451 N N    . LYS A 1 26 ? 1.705   3.888  10.722  1.00 0.00 ? 26 LYS A N    1 
ATOM 452 C CA   . LYS A 1 26 ? 2.211   3.951  12.134  1.00 0.00 ? 26 LYS A CA   1 
ATOM 453 C C    . LYS A 1 26 ? 2.851   2.616  12.497  1.00 0.00 ? 26 LYS A C    1 
ATOM 454 O O    . LYS A 1 26 ? 2.802   2.170  13.628  1.00 0.00 ? 26 LYS A O    1 
ATOM 455 C CB   . LYS A 1 26 ? 0.995   4.245  13.026  1.00 0.00 ? 26 LYS A CB   1 
ATOM 456 C CG   . LYS A 1 26 ? 0.819   5.758  13.167  1.00 0.00 ? 26 LYS A CG   1 
ATOM 457 C CD   . LYS A 1 26 ? 0.233   6.077  14.544  1.00 0.00 ? 26 LYS A CD   1 
ATOM 458 C CE   . LYS A 1 26 ? -0.586  7.369  14.465  1.00 0.00 ? 26 LYS A CE   1 
ATOM 459 N NZ   . LYS A 1 26 ? -1.994  6.918  14.276  1.00 0.00 ? 26 LYS A NZ   1 
ATOM 460 H H    . LYS A 1 26 ? 2.056   4.507  10.064  1.00 0.00 ? 26 LYS A H    1 
ATOM 461 H HA   . LYS A 1 26 ? 2.936   4.745  12.228  1.00 0.00 ? 26 LYS A HA   1 
ATOM 462 H HB2  . LYS A 1 26 ? 0.106   3.820  12.586  1.00 0.00 ? 26 LYS A HB2  1 
ATOM 463 H HB3  . LYS A 1 26 ? 1.155   3.813  14.001  1.00 0.00 ? 26 LYS A HB3  1 
ATOM 464 H HG2  . LYS A 1 26 ? 1.779   6.243  13.061  1.00 0.00 ? 26 LYS A HG2  1 
ATOM 465 H HG3  . LYS A 1 26 ? 0.148   6.115  12.401  1.00 0.00 ? 26 LYS A HG3  1 
ATOM 466 H HD2  . LYS A 1 26 ? -0.404  5.264  14.860  1.00 0.00 ? 26 LYS A HD2  1 
ATOM 467 H HD3  . LYS A 1 26 ? 1.034   6.207  15.255  1.00 0.00 ? 26 LYS A HD3  1 
ATOM 468 H HE2  . LYS A 1 26 ? -0.487  7.932  15.382  1.00 0.00 ? 26 LYS A HE2  1 
ATOM 469 H HE3  . LYS A 1 26 ? -0.272  7.961  13.620  1.00 0.00 ? 26 LYS A HE3  1 
ATOM 470 H HZ1  . LYS A 1 26 ? -2.257  6.274  15.051  1.00 0.00 ? 26 LYS A HZ1  1 
ATOM 471 H HZ2  . LYS A 1 26 ? -2.625  7.743  14.280  1.00 0.00 ? 26 LYS A HZ2  1 
ATOM 472 H HZ3  . LYS A 1 26 ? -2.080  6.422  13.367  1.00 0.00 ? 26 LYS A HZ3  1 
ATOM 473 N N    . GLY A 1 27 ? 3.449   1.981  11.526  1.00 0.00 ? 27 GLY A N    1 
ATOM 474 C CA   . GLY A 1 27 ? 4.103   0.672  11.764  1.00 0.00 ? 27 GLY A CA   1 
ATOM 475 C C    . GLY A 1 27 ? 5.436   0.635  11.017  1.00 0.00 ? 27 GLY A C    1 
ATOM 476 O O    . GLY A 1 27 ? 6.451   0.236  11.554  1.00 0.00 ? 27 GLY A O    1 
ATOM 477 H H    . GLY A 1 27 ? 3.464   2.370  10.631  1.00 0.00 ? 27 GLY A H    1 
ATOM 478 H HA2  . GLY A 1 27 ? 4.269   0.540  12.822  1.00 0.00 ? 27 GLY A HA2  1 
ATOM 479 H HA3  . GLY A 1 27 ? 3.465   -0.113 11.393  1.00 0.00 ? 27 GLY A HA3  1 
ATOM 480 N N    . ARG A 1 28 ? 5.438   1.059  9.775   1.00 0.00 ? 28 ARG A N    1 
ATOM 481 C CA   . ARG A 1 28 ? 6.696   1.069  8.961   1.00 0.00 ? 28 ARG A CA   1 
ATOM 482 C C    . ARG A 1 28 ? 7.353   -0.316 8.963   1.00 0.00 ? 28 ARG A C    1 
ATOM 483 O O    . ARG A 1 28 ? 7.100   -1.071 8.040   1.00 0.00 ? 28 ARG A O    1 
ATOM 484 C CB   . ARG A 1 28 ? 7.609   2.099  9.634   1.00 0.00 ? 28 ARG A CB   1 
ATOM 485 C CG   . ARG A 1 28 ? 7.267   3.497  9.115   1.00 0.00 ? 28 ARG A CG   1 
ATOM 486 C CD   . ARG A 1 28 ? 7.567   4.534  10.201  1.00 0.00 ? 28 ARG A CD   1 
ATOM 487 N NE   . ARG A 1 28 ? 9.036   4.786  10.095  1.00 0.00 ? 28 ARG A NE   1 
ATOM 488 C CZ   . ARG A 1 28 ? 9.540   5.524  9.126   1.00 0.00 ? 28 ARG A CZ   1 
ATOM 489 N NH1  . ARG A 1 28 ? 8.773   6.080  8.215   1.00 0.00 ? 28 ARG A NH1  1 
ATOM 490 N NH2  . ARG A 1 28 ? 10.830  5.709  9.071   1.00 0.00 ? 28 ARG A NH2  1 
ATOM 491 O OXT  . ARG A 1 28 ? 8.101   -0.594 9.887   1.00 0.00 ? 28 ARG A OXT  1 
ATOM 492 H H    . ARG A 1 28 ? 4.603   1.377  9.372   1.00 0.00 ? 28 ARG A H    1 
ATOM 493 H HA   . ARG A 1 28 ? 6.477   1.379  7.952   1.00 0.00 ? 28 ARG A HA   1 
ATOM 494 H HB2  . ARG A 1 28 ? 7.463   2.065  10.704  1.00 0.00 ? 28 ARG A HB2  1 
ATOM 495 H HB3  . ARG A 1 28 ? 8.639   1.874  9.401   1.00 0.00 ? 28 ARG A HB3  1 
ATOM 496 H HG2  . ARG A 1 28 ? 7.860   3.711  8.238   1.00 0.00 ? 28 ARG A HG2  1 
ATOM 497 H HG3  . ARG A 1 28 ? 6.218   3.540  8.860   1.00 0.00 ? 28 ARG A HG3  1 
ATOM 498 H HD2  . ARG A 1 28 ? 7.012   5.444  10.013  1.00 0.00 ? 28 ARG A HD2  1 
ATOM 499 H HD3  . ARG A 1 28 ? 7.329   4.139  11.175  1.00 0.00 ? 28 ARG A HD3  1 
ATOM 500 H HE   . ARG A 1 28 ? 9.639   4.392  10.761  1.00 0.00 ? 28 ARG A HE   1 
ATOM 501 H HH11 . ARG A 1 28 ? 7.782   5.954  8.240   1.00 0.00 ? 28 ARG A HH11 1 
ATOM 502 H HH12 . ARG A 1 28 ? 9.185   6.634  7.491   1.00 0.00 ? 28 ARG A HH12 1 
ATOM 503 H HH21 . ARG A 1 28 ? 11.425  5.293  9.759   1.00 0.00 ? 28 ARG A HH21 1 
ATOM 504 H HH22 . ARG A 1 28 ? 11.225  6.266  8.339   1.00 0.00 ? 28 ARG A HH22 1 
# 
